data_3PFO
#
_entry.id   3PFO
#
_cell.length_a   87.074
_cell.length_b   48.823
_cell.length_c   111.879
_cell.angle_alpha   90.000
_cell.angle_beta   111.020
_cell.angle_gamma   90.000
#
_symmetry.space_group_name_H-M   'P 1 21 1'
#
loop_
_entity.id
_entity.type
_entity.pdbx_description
1 polymer 'putative acetylornithine deacetylase'
2 non-polymer 'ZINC ION'
3 non-polymer 1,2-ETHANEDIOL
4 water water
#
_entity_poly.entity_id   1
_entity_poly.type   'polypeptide(L)'
_entity_poly.pdbx_seq_one_letter_code
;G(MSE)ATETLTKSDAITQSLRAAVDRNFNDQVAFLQR(MSE)VQFRSVRGEEAPQQEWLAQQFADRGYKVDTFSLADVD
IASHPKAAP(MSE)DTIDPAGS(MSE)QVVATADSDGKGRSLILQGHIDVVPEGPVDLWSDPPYEAKVRDGW(MSE)IGR
GAQD(MSE)KGGVSA(MSE)IFALDAIRTAGYAPDARVHVQTVTEEESTGNGALSTL(MSE)RGYRADACLIPEPTGHTL
TRAQVGAVWFRLRVRGTPVHVAYSETGTSAILSA(MSE)HLIRAFEEYTKELNAQAVRDPWFGQVKNPIKFNVGIIKGGD
WASSTAAWCELDCRLGLLTGDTPQEA(MSE)RGIEKCLADAQATDSFLSENPAELVWSGFQADPAVCEPGGVAEDVLTAA
HKAAFNAPLDARLSTAVNDTRYYSVDYGIPALCYGPYGQGPHAFDERIDLESLRKTTLSIALFVAEWCGLRKL
;
_entity_poly.pdbx_strand_id   A,B
#
loop_
_chem_comp.id
_chem_comp.type
_chem_comp.name
_chem_comp.formula
EDO non-polymer 1,2-ETHANEDIOL 'C2 H6 O2'
ZN non-polymer 'ZINC ION' 'Zn 2'
#
# COMPACT_ATOMS: atom_id res chain seq x y z
N THR A 8 -24.62 -33.13 -47.28
CA THR A 8 -25.44 -31.97 -47.77
C THR A 8 -24.53 -30.76 -48.16
N LYS A 9 -25.07 -29.77 -48.87
CA LYS A 9 -24.33 -28.51 -49.16
C LYS A 9 -23.90 -27.73 -47.88
N SER A 10 -24.74 -27.70 -46.86
CA SER A 10 -24.34 -27.01 -45.64
C SER A 10 -23.22 -27.79 -44.90
N ASP A 11 -23.29 -29.12 -44.93
CA ASP A 11 -22.20 -29.97 -44.41
C ASP A 11 -20.86 -29.78 -45.18
N ALA A 12 -20.95 -29.54 -46.47
CA ALA A 12 -19.80 -29.31 -47.32
C ALA A 12 -19.12 -28.00 -46.96
N ILE A 13 -19.92 -26.95 -46.80
CA ILE A 13 -19.39 -25.63 -46.46
C ILE A 13 -18.73 -25.70 -45.07
N THR A 14 -19.41 -26.33 -44.12
CA THR A 14 -18.85 -26.52 -42.78
C THR A 14 -17.49 -27.26 -42.83
N GLN A 15 -17.40 -28.35 -43.60
CA GLN A 15 -16.12 -29.05 -43.75
C GLN A 15 -15.00 -28.18 -44.37
N SER A 16 -15.33 -27.34 -45.35
CA SER A 16 -14.31 -26.48 -45.95
C SER A 16 -13.86 -25.43 -44.93
N LEU A 17 -14.78 -24.93 -44.11
CA LEU A 17 -14.42 -24.05 -43.01
C LEU A 17 -13.59 -24.78 -41.94
N ARG A 18 -13.92 -26.03 -41.62
CA ARG A 18 -13.12 -26.83 -40.70
C ARG A 18 -11.69 -26.97 -41.22
N ALA A 19 -11.55 -27.32 -42.50
CA ALA A 19 -10.21 -27.44 -43.16
C ALA A 19 -9.43 -26.13 -43.10
N ALA A 20 -10.12 -25.03 -43.33
CA ALA A 20 -9.52 -23.70 -43.37
C ALA A 20 -8.96 -23.32 -41.99
N VAL A 21 -9.78 -23.51 -40.94
CA VAL A 21 -9.34 -23.20 -39.58
C VAL A 21 -8.12 -24.02 -39.25
N ASP A 22 -8.14 -25.31 -39.62
CA ASP A 22 -7.00 -26.17 -39.33
C ASP A 22 -5.74 -25.75 -40.09
N ARG A 23 -5.91 -25.38 -41.36
N ARG A 23 -5.90 -25.38 -41.36
CA ARG A 23 -4.79 -24.92 -42.18
CA ARG A 23 -4.76 -24.95 -42.16
C ARG A 23 -4.10 -23.72 -41.58
C ARG A 23 -4.08 -23.71 -41.57
N ASN A 24 -4.91 -22.79 -41.06
CA ASN A 24 -4.42 -21.51 -40.57
C ASN A 24 -4.05 -21.51 -39.09
N PHE A 25 -4.23 -22.64 -38.42
CA PHE A 25 -4.17 -22.61 -36.97
C PHE A 25 -2.77 -22.26 -36.42
N ASN A 26 -1.69 -22.76 -37.02
CA ASN A 26 -0.34 -22.39 -36.58
C ASN A 26 -0.15 -20.88 -36.65
N ASP A 27 -0.65 -20.27 -37.73
CA ASP A 27 -0.59 -18.81 -37.87
C ASP A 27 -1.39 -18.16 -36.75
N GLN A 28 -2.56 -18.69 -36.44
CA GLN A 28 -3.41 -18.16 -35.38
C GLN A 28 -2.69 -18.20 -34.04
N VAL A 29 -2.03 -19.29 -33.76
CA VAL A 29 -1.29 -19.41 -32.50
C VAL A 29 -0.15 -18.40 -32.42
N ALA A 30 0.59 -18.20 -33.50
CA ALA A 30 1.68 -17.18 -33.52
C ALA A 30 1.11 -15.75 -33.32
N PHE A 31 -0.06 -15.48 -33.90
CA PHE A 31 -0.76 -14.20 -33.79
C PHE A 31 -1.16 -13.95 -32.32
N LEU A 32 -1.80 -14.95 -31.73
CA LEU A 32 -2.14 -14.91 -30.32
C LEU A 32 -0.90 -14.73 -29.42
N GLN A 33 0.20 -15.42 -29.71
CA GLN A 33 1.39 -15.27 -28.91
C GLN A 33 1.88 -13.82 -28.94
N ARG A 34 1.88 -13.22 -30.14
CA ARG A 34 2.26 -11.82 -30.28
C ARG A 34 1.33 -10.86 -29.48
N MSE A 35 0.04 -11.15 -29.45
CA MSE A 35 -0.88 -10.33 -28.69
C MSE A 35 -0.57 -10.41 -27.18
O MSE A 35 -0.47 -9.39 -26.50
CB MSE A 35 -2.32 -10.73 -28.95
CG MSE A 35 -2.82 -10.50 -30.36
SE MSE A 35 -4.78 -10.81 -30.34
CE MSE A 35 -5.29 -9.47 -29.30
N VAL A 36 -0.40 -11.64 -26.67
CA VAL A 36 -0.14 -11.89 -25.26
C VAL A 36 1.19 -11.22 -24.85
N GLN A 37 2.15 -11.15 -25.76
CA GLN A 37 3.43 -10.50 -25.51
C GLN A 37 3.32 -9.00 -25.35
N PHE A 38 2.19 -8.42 -25.72
CA PHE A 38 1.96 -7.01 -25.43
C PHE A 38 1.41 -6.90 -24.02
N ARG A 39 2.08 -6.17 -23.14
CA ARG A 39 1.67 -6.03 -21.75
C ARG A 39 0.66 -4.86 -21.66
N SER A 40 -0.54 -5.12 -22.22
CA SER A 40 -1.57 -4.11 -22.39
C SER A 40 -2.44 -4.02 -21.14
N VAL A 41 -1.80 -3.78 -20.00
CA VAL A 41 -2.52 -3.42 -18.79
C VAL A 41 -3.13 -2.03 -18.96
N ARG A 42 -4.03 -1.68 -18.04
CA ARG A 42 -4.76 -0.43 -18.14
C ARG A 42 -3.78 0.76 -18.32
N GLY A 43 -4.06 1.63 -19.29
CA GLY A 43 -3.19 2.76 -19.58
C GLY A 43 -2.05 2.44 -20.55
N GLU A 44 -1.77 1.15 -20.79
CA GLU A 44 -0.61 0.73 -21.58
CA GLU A 44 -0.60 0.73 -21.57
C GLU A 44 -1.02 -0.07 -22.81
N GLU A 45 -2.22 0.21 -23.35
CA GLU A 45 -2.79 -0.60 -24.46
C GLU A 45 -2.51 -0.10 -25.89
N ALA A 46 -1.94 1.10 -26.03
CA ALA A 46 -1.83 1.71 -27.37
C ALA A 46 -0.96 0.91 -28.30
N PRO A 47 0.19 0.42 -27.84
CA PRO A 47 0.95 -0.37 -28.81
C PRO A 47 0.20 -1.60 -29.33
N GLN A 48 -0.52 -2.29 -28.45
CA GLN A 48 -1.33 -3.44 -28.84
C GLN A 48 -2.38 -3.05 -29.87
N GLN A 49 -3.02 -1.89 -29.65
CA GLN A 49 -4.03 -1.40 -30.59
C GLN A 49 -3.42 -0.95 -31.92
N GLU A 50 -2.24 -0.30 -31.87
CA GLU A 50 -1.58 0.11 -33.12
CA GLU A 50 -1.56 0.10 -33.12
C GLU A 50 -1.27 -1.14 -33.98
N TRP A 51 -0.78 -2.21 -33.32
CA TRP A 51 -0.51 -3.48 -34.00
C TRP A 51 -1.78 -4.09 -34.58
N LEU A 52 -2.85 -4.17 -33.78
CA LEU A 52 -4.13 -4.67 -34.33
C LEU A 52 -4.62 -3.85 -35.53
N ALA A 53 -4.60 -2.52 -35.43
CA ALA A 53 -5.04 -1.67 -36.55
C ALA A 53 -4.31 -2.06 -37.83
N GLN A 54 -3.00 -2.31 -37.73
CA GLN A 54 -2.23 -2.67 -38.89
C GLN A 54 -2.62 -4.07 -39.37
N GLN A 55 -2.80 -5.02 -38.46
CA GLN A 55 -3.22 -6.36 -38.85
C GLN A 55 -4.57 -6.33 -39.58
N PHE A 56 -5.47 -5.46 -39.14
CA PHE A 56 -6.77 -5.30 -39.80
C PHE A 56 -6.61 -4.63 -41.20
N ALA A 57 -5.73 -3.64 -41.29
CA ALA A 57 -5.44 -3.00 -42.58
C ALA A 57 -4.84 -4.01 -43.57
N ASP A 58 -3.91 -4.86 -43.10
CA ASP A 58 -3.31 -5.91 -43.92
C ASP A 58 -4.33 -6.88 -44.50
N ARG A 59 -5.45 -7.01 -43.81
CA ARG A 59 -6.55 -7.89 -44.26
C ARG A 59 -7.57 -7.20 -45.17
N GLY A 60 -7.43 -5.90 -45.39
CA GLY A 60 -8.29 -5.18 -46.31
C GLY A 60 -9.48 -4.51 -45.69
N TYR A 61 -9.57 -4.52 -44.36
CA TYR A 61 -10.65 -3.84 -43.66
C TYR A 61 -10.40 -2.35 -43.71
N LYS A 62 -11.49 -1.58 -43.63
CA LYS A 62 -11.39 -0.15 -43.30
C LYS A 62 -11.23 -0.06 -41.80
N VAL A 63 -10.26 0.72 -41.36
CA VAL A 63 -9.88 0.76 -39.95
C VAL A 63 -10.11 2.16 -39.37
N ASP A 64 -10.85 2.23 -38.27
CA ASP A 64 -11.18 3.46 -37.53
C ASP A 64 -10.58 3.30 -36.14
N THR A 65 -9.61 4.14 -35.78
N THR A 65 -9.62 4.16 -35.78
CA THR A 65 -9.09 4.19 -34.41
CA THR A 65 -9.06 4.20 -34.44
C THR A 65 -9.40 5.52 -33.77
C THR A 65 -9.40 5.53 -33.78
N PHE A 66 -9.84 5.48 -32.53
CA PHE A 66 -10.26 6.70 -31.83
C PHE A 66 -10.15 6.47 -30.32
N SER A 67 -10.03 7.55 -29.58
CA SER A 67 -9.95 7.46 -28.14
C SER A 67 -11.32 7.64 -27.49
N LEU A 68 -11.38 7.35 -26.19
CA LEU A 68 -12.55 7.68 -25.37
C LEU A 68 -12.85 9.18 -25.39
N ALA A 69 -11.79 10.00 -25.44
CA ALA A 69 -12.00 11.46 -25.54
C ALA A 69 -12.65 11.85 -26.87
N ASP A 70 -12.30 11.15 -27.96
CA ASP A 70 -12.82 11.50 -29.27
C ASP A 70 -14.36 11.35 -29.36
N VAL A 71 -14.97 10.50 -28.54
CA VAL A 71 -16.43 10.36 -28.55
C VAL A 71 -17.11 11.12 -27.39
N ASP A 72 -16.34 11.93 -26.64
CA ASP A 72 -16.83 12.64 -25.45
CA ASP A 72 -16.82 12.65 -25.43
C ASP A 72 -17.53 11.65 -24.50
N ILE A 73 -16.78 10.64 -24.11
CA ILE A 73 -17.26 9.53 -23.28
C ILE A 73 -18.12 9.95 -22.09
N ALA A 74 -17.66 10.95 -21.34
CA ALA A 74 -18.35 11.38 -20.12
C ALA A 74 -19.77 11.88 -20.38
N SER A 75 -20.12 12.18 -21.63
CA SER A 75 -21.46 12.68 -21.94
C SER A 75 -22.54 11.59 -21.90
N HIS A 76 -22.15 10.32 -21.91
CA HIS A 76 -23.15 9.24 -21.88
C HIS A 76 -23.57 8.90 -20.45
N PRO A 77 -24.88 8.78 -20.20
CA PRO A 77 -25.35 8.40 -18.86
C PRO A 77 -24.77 7.08 -18.30
N LYS A 78 -24.37 6.16 -19.17
CA LYS A 78 -23.75 4.89 -18.71
C LYS A 78 -22.22 4.90 -18.63
N ALA A 79 -21.61 6.04 -18.94
CA ALA A 79 -20.18 6.18 -18.83
C ALA A 79 -19.78 6.10 -17.35
N ALA A 80 -18.61 5.50 -17.10
CA ALA A 80 -18.13 5.29 -15.75
C ALA A 80 -16.91 6.14 -15.55
N PRO A 81 -16.59 6.46 -14.29
CA PRO A 81 -15.43 7.31 -14.04
C PRO A 81 -14.09 6.63 -14.34
N MSE A 82 -13.11 7.43 -14.76
CA MSE A 82 -11.83 6.92 -15.22
C MSE A 82 -10.66 7.01 -14.20
O MSE A 82 -9.52 6.67 -14.54
CB MSE A 82 -11.46 7.59 -16.55
CG MSE A 82 -12.31 7.10 -17.77
SE MSE A 82 -11.83 5.27 -18.26
CE MSE A 82 -10.09 5.70 -19.15
N ASP A 83 -10.91 7.46 -12.97
CA ASP A 83 -9.87 7.45 -11.96
C ASP A 83 -8.63 8.19 -12.48
N THR A 84 -7.45 7.59 -12.39
CA THR A 84 -6.23 8.29 -12.82
C THR A 84 -5.97 8.21 -14.35
N ILE A 85 -6.79 7.47 -15.10
CA ILE A 85 -6.45 7.14 -16.50
C ILE A 85 -7.02 8.14 -17.52
N ASP A 86 -6.14 8.63 -18.40
CA ASP A 86 -6.49 9.69 -19.33
C ASP A 86 -7.33 9.12 -20.47
N PRO A 87 -8.58 9.56 -20.60
CA PRO A 87 -9.43 9.05 -21.70
C PRO A 87 -8.85 9.33 -23.08
N ALA A 88 -8.06 10.40 -23.20
CA ALA A 88 -7.48 10.74 -24.50
C ALA A 88 -6.46 9.70 -24.98
N GLY A 89 -5.94 8.89 -24.07
CA GLY A 89 -4.94 7.86 -24.40
C GLY A 89 -5.47 6.44 -24.49
N SER A 90 -6.77 6.26 -24.30
CA SER A 90 -7.41 4.94 -24.27
C SER A 90 -8.04 4.63 -25.63
N MSE A 91 -7.33 3.82 -26.41
CA MSE A 91 -7.57 3.70 -27.85
C MSE A 91 -8.44 2.48 -28.19
O MSE A 91 -8.19 1.38 -27.67
CB MSE A 91 -6.26 3.55 -28.62
CG MSE A 91 -5.24 4.65 -28.36
SE MSE A 91 -5.98 6.50 -28.62
CE MSE A 91 -6.40 6.33 -30.48
N GLN A 92 -9.41 2.70 -29.09
CA GLN A 92 -10.26 1.68 -29.62
C GLN A 92 -9.95 1.50 -31.10
N VAL A 93 -10.20 0.30 -31.60
CA VAL A 93 -10.02 0.00 -33.02
C VAL A 93 -11.29 -0.68 -33.52
N VAL A 94 -11.85 -0.18 -34.62
CA VAL A 94 -12.99 -0.85 -35.24
C VAL A 94 -12.69 -1.04 -36.72
N ALA A 95 -12.65 -2.29 -37.15
CA ALA A 95 -12.35 -2.65 -38.54
C ALA A 95 -13.69 -3.03 -39.19
N THR A 96 -13.96 -2.52 -40.38
CA THR A 96 -15.26 -2.71 -41.02
C THR A 96 -15.04 -3.35 -42.38
N ALA A 97 -15.81 -4.39 -42.68
CA ALA A 97 -15.86 -4.99 -44.01
C ALA A 97 -17.25 -4.72 -44.55
N ASP A 98 -17.35 -3.73 -45.42
CA ASP A 98 -18.63 -3.37 -46.00
C ASP A 98 -19.13 -4.43 -46.97
N SER A 99 -20.44 -4.46 -47.18
CA SER A 99 -21.09 -5.43 -48.06
C SER A 99 -22.42 -4.87 -48.57
N ASP A 100 -22.74 -5.21 -49.81
N ASP A 100 -22.75 -5.20 -49.81
CA ASP A 100 -24.06 -4.94 -50.38
CA ASP A 100 -24.07 -4.92 -50.35
C ASP A 100 -24.96 -6.15 -50.21
C ASP A 100 -24.96 -6.15 -50.21
N GLY A 101 -24.47 -7.18 -49.52
CA GLY A 101 -25.23 -8.40 -49.31
C GLY A 101 -26.45 -8.16 -48.44
N LYS A 102 -27.35 -9.13 -48.46
CA LYS A 102 -28.64 -9.01 -47.82
C LYS A 102 -28.69 -9.81 -46.50
N GLY A 103 -27.55 -10.28 -46.03
CA GLY A 103 -27.51 -11.03 -44.79
C GLY A 103 -27.68 -10.13 -43.59
N ARG A 104 -27.56 -10.72 -42.41
CA ARG A 104 -27.63 -10.00 -41.16
C ARG A 104 -26.24 -9.47 -40.74
N SER A 105 -26.17 -8.20 -40.37
CA SER A 105 -24.89 -7.58 -40.02
C SER A 105 -24.41 -8.06 -38.63
N LEU A 106 -23.11 -7.94 -38.37
CA LEU A 106 -22.51 -8.49 -37.17
C LEU A 106 -21.39 -7.63 -36.62
N ILE A 107 -21.42 -7.45 -35.31
CA ILE A 107 -20.26 -6.98 -34.56
C ILE A 107 -19.60 -8.18 -33.86
N LEU A 108 -18.29 -8.32 -34.09
CA LEU A 108 -17.46 -9.20 -33.28
C LEU A 108 -16.57 -8.29 -32.44
N GLN A 109 -16.65 -8.45 -31.14
CA GLN A 109 -15.91 -7.57 -30.25
C GLN A 109 -15.13 -8.33 -29.19
N GLY A 110 -13.93 -7.86 -28.91
CA GLY A 110 -13.16 -8.35 -27.79
C GLY A 110 -12.43 -7.23 -27.10
N HIS A 111 -12.18 -7.40 -25.82
CA HIS A 111 -11.31 -6.48 -25.10
C HIS A 111 -9.84 -6.93 -25.15
N ILE A 112 -8.94 -5.96 -25.27
CA ILE A 112 -7.52 -6.24 -25.29
C ILE A 112 -6.77 -5.71 -24.08
N ASP A 113 -7.48 -5.06 -23.14
CA ASP A 113 -6.93 -4.76 -21.82
C ASP A 113 -6.85 -6.05 -21.02
N VAL A 114 -5.79 -6.19 -20.24
CA VAL A 114 -5.62 -7.34 -19.37
C VAL A 114 -5.43 -6.85 -17.93
N VAL A 115 -5.85 -7.67 -16.95
CA VAL A 115 -5.66 -7.31 -15.55
C VAL A 115 -4.20 -7.53 -15.15
N PRO A 116 -3.76 -6.86 -14.06
CA PRO A 116 -2.38 -7.01 -13.62
C PRO A 116 -2.00 -8.46 -13.41
N GLU A 117 -0.75 -8.78 -13.69
CA GLU A 117 -0.27 -10.16 -13.61
C GLU A 117 -0.03 -10.62 -12.18
N GLY A 118 0.18 -9.66 -11.29
CA GLY A 118 0.48 -10.00 -9.89
C GLY A 118 1.96 -10.39 -9.74
N PRO A 119 2.37 -10.90 -8.56
CA PRO A 119 3.77 -11.28 -8.29
C PRO A 119 4.35 -12.16 -9.40
N VAL A 120 5.21 -11.58 -10.23
CA VAL A 120 5.81 -12.29 -11.38
C VAL A 120 6.55 -13.56 -10.97
N ASP A 121 7.09 -13.60 -9.76
CA ASP A 121 7.83 -14.78 -9.27
C ASP A 121 6.93 -15.98 -8.98
N LEU A 122 5.61 -15.77 -8.92
CA LEU A 122 4.67 -16.88 -8.66
C LEU A 122 4.00 -17.50 -9.91
N TRP A 123 4.37 -16.99 -11.08
CA TRP A 123 4.07 -17.64 -12.35
C TRP A 123 5.08 -18.74 -12.65
N SER A 124 4.61 -19.87 -13.16
CA SER A 124 5.49 -20.94 -13.54
C SER A 124 6.04 -20.76 -14.97
N ASP A 125 5.35 -20.00 -15.82
CA ASP A 125 5.92 -19.49 -17.07
C ASP A 125 5.63 -17.97 -17.12
N PRO A 126 6.61 -17.15 -17.55
CA PRO A 126 6.40 -15.70 -17.41
C PRO A 126 5.14 -15.20 -18.12
N PRO A 127 4.44 -14.24 -17.50
CA PRO A 127 3.10 -13.89 -17.95
C PRO A 127 2.98 -13.29 -19.34
N TYR A 128 4.03 -12.66 -19.86
CA TYR A 128 3.95 -12.04 -21.17
C TYR A 128 4.83 -12.70 -22.22
N GLU A 129 5.27 -13.94 -21.94
CA GLU A 129 6.08 -14.71 -22.89
C GLU A 129 5.22 -15.56 -23.83
N ALA A 130 4.02 -15.92 -23.38
CA ALA A 130 3.10 -16.76 -24.14
C ALA A 130 3.73 -18.10 -24.51
N LYS A 131 4.39 -18.77 -23.55
CA LYS A 131 4.90 -20.14 -23.77
C LYS A 131 3.78 -21.11 -24.04
N VAL A 132 4.03 -22.03 -24.97
CA VAL A 132 3.08 -23.06 -25.35
C VAL A 132 3.69 -24.40 -24.91
N ARG A 133 2.94 -25.17 -24.13
CA ARG A 133 3.40 -26.46 -23.61
C ARG A 133 2.20 -27.37 -23.46
N ASP A 134 2.30 -28.60 -23.96
CA ASP A 134 1.29 -29.65 -23.71
C ASP A 134 -0.12 -29.20 -24.16
N GLY A 135 -0.20 -28.50 -25.28
CA GLY A 135 -1.44 -28.06 -25.87
C GLY A 135 -2.10 -26.88 -25.16
N TRP A 136 -1.36 -26.20 -24.27
CA TRP A 136 -1.84 -24.99 -23.61
C TRP A 136 -0.91 -23.84 -23.85
N MSE A 137 -1.46 -22.63 -23.91
CA MSE A 137 -0.65 -21.42 -23.87
C MSE A 137 -0.84 -20.73 -22.52
O MSE A 137 -1.96 -20.50 -22.14
CB MSE A 137 -1.04 -20.45 -24.98
CG MSE A 137 -0.17 -19.21 -25.02
SE MSE A 137 -0.79 -17.92 -26.27
CE MSE A 137 -0.67 -18.95 -27.93
N ILE A 138 0.27 -20.44 -21.83
CA ILE A 138 0.24 -19.71 -20.57
C ILE A 138 0.53 -18.24 -20.81
N GLY A 139 -0.36 -17.39 -20.33
CA GLY A 139 -0.08 -15.97 -20.35
C GLY A 139 -1.22 -15.15 -19.82
N ARG A 140 -0.89 -13.98 -19.28
CA ARG A 140 -1.94 -13.07 -18.84
C ARG A 140 -2.61 -12.58 -20.10
N GLY A 141 -3.93 -12.75 -20.19
CA GLY A 141 -4.67 -12.36 -21.38
C GLY A 141 -4.89 -13.47 -22.39
N ALA A 142 -4.21 -14.60 -22.23
CA ALA A 142 -4.30 -15.72 -23.16
C ALA A 142 -5.69 -16.29 -23.19
N GLN A 143 -6.30 -16.40 -22.02
CA GLN A 143 -7.64 -16.89 -21.87
C GLN A 143 -8.63 -15.73 -21.87
N ASP A 144 -8.28 -14.66 -21.15
CA ASP A 144 -9.21 -13.56 -20.91
C ASP A 144 -8.61 -12.25 -21.40
N MSE A 145 -8.79 -11.90 -22.68
CA MSE A 145 -9.49 -12.68 -23.66
C MSE A 145 -8.84 -12.57 -25.03
O MSE A 145 -9.51 -12.64 -26.04
CB MSE A 145 -10.94 -12.22 -23.77
CG MSE A 145 -11.20 -10.79 -24.26
SE MSE A 145 -13.10 -10.56 -24.68
CE MSE A 145 -13.17 -11.55 -26.31
N LYS A 146 -7.51 -12.46 -25.08
CA LYS A 146 -6.84 -12.37 -26.35
C LYS A 146 -7.06 -13.66 -27.17
N GLY A 147 -7.16 -14.81 -26.50
CA GLY A 147 -7.55 -16.04 -27.18
C GLY A 147 -8.82 -15.86 -28.03
N GLY A 148 -9.88 -15.35 -27.41
CA GLY A 148 -11.14 -15.11 -28.13
C GLY A 148 -11.00 -14.09 -29.26
N VAL A 149 -10.18 -13.08 -29.06
CA VAL A 149 -9.90 -12.10 -30.10
C VAL A 149 -9.25 -12.80 -31.31
N SER A 150 -8.27 -13.67 -31.06
CA SER A 150 -7.66 -14.43 -32.15
C SER A 150 -8.70 -15.28 -32.84
N ALA A 151 -9.65 -15.84 -32.08
CA ALA A 151 -10.70 -16.70 -32.62
C ALA A 151 -11.61 -15.93 -33.58
N MSE A 152 -12.02 -14.73 -33.18
CA MSE A 152 -12.95 -13.97 -33.99
C MSE A 152 -12.27 -13.50 -35.25
O MSE A 152 -12.88 -13.50 -36.33
CB MSE A 152 -13.58 -12.82 -33.22
CG MSE A 152 -12.68 -11.68 -32.84
SE MSE A 152 -13.53 -10.56 -31.50
CE MSE A 152 -12.44 -8.94 -31.78
N ILE A 153 -11.02 -13.11 -35.14
CA ILE A 153 -10.25 -12.63 -36.30
C ILE A 153 -9.99 -13.78 -37.28
N PHE A 154 -9.58 -14.92 -36.74
CA PHE A 154 -9.25 -16.06 -37.61
C PHE A 154 -10.48 -16.81 -38.13
N ALA A 155 -11.65 -16.63 -37.50
CA ALA A 155 -12.89 -17.17 -38.04
C ALA A 155 -13.14 -16.53 -39.42
N LEU A 156 -13.03 -15.21 -39.45
CA LEU A 156 -13.16 -14.45 -40.68
C LEU A 156 -12.03 -14.79 -41.65
N ASP A 157 -10.80 -15.00 -41.16
CA ASP A 157 -9.70 -15.43 -42.04
C ASP A 157 -10.02 -16.81 -42.67
N ALA A 158 -10.63 -17.71 -41.91
CA ALA A 158 -11.02 -19.04 -42.44
C ALA A 158 -12.05 -18.93 -43.57
N ILE A 159 -12.98 -18.00 -43.42
CA ILE A 159 -14.04 -17.84 -44.40
C ILE A 159 -13.34 -17.41 -45.68
N ARG A 160 -12.39 -16.49 -45.57
CA ARG A 160 -11.67 -16.02 -46.77
C ARG A 160 -10.86 -17.17 -47.38
N THR A 161 -10.15 -17.92 -46.53
CA THR A 161 -9.34 -19.05 -47.00
C THR A 161 -10.17 -20.08 -47.81
N ALA A 162 -11.37 -20.36 -47.32
CA ALA A 162 -12.32 -21.26 -47.96
C ALA A 162 -12.93 -20.69 -49.22
N GLY A 163 -12.69 -19.41 -49.48
CA GLY A 163 -13.06 -18.81 -50.76
C GLY A 163 -14.35 -18.01 -50.72
N TYR A 164 -14.69 -17.49 -49.53
CA TYR A 164 -15.94 -16.75 -49.33
C TYR A 164 -15.73 -15.42 -48.63
N ALA A 165 -16.79 -14.63 -48.63
CA ALA A 165 -16.89 -13.44 -47.80
C ALA A 165 -18.24 -13.48 -47.12
N PRO A 166 -18.35 -12.85 -45.92
CA PRO A 166 -19.63 -12.68 -45.25
C PRO A 166 -20.51 -11.84 -46.15
N ASP A 167 -21.82 -12.13 -46.17
CA ASP A 167 -22.74 -11.48 -47.08
C ASP A 167 -23.52 -10.38 -46.38
N ALA A 168 -22.84 -9.71 -45.46
CA ALA A 168 -23.41 -8.62 -44.70
C ALA A 168 -22.27 -7.84 -44.12
N ARG A 169 -22.55 -6.62 -43.66
CA ARG A 169 -21.56 -5.76 -43.02
C ARG A 169 -21.05 -6.44 -41.74
N VAL A 170 -19.73 -6.43 -41.51
CA VAL A 170 -19.13 -6.92 -40.26
C VAL A 170 -18.22 -5.82 -39.69
N HIS A 171 -18.33 -5.56 -38.40
CA HIS A 171 -17.39 -4.70 -37.70
C HIS A 171 -16.63 -5.62 -36.73
N VAL A 172 -15.30 -5.55 -36.76
CA VAL A 172 -14.50 -6.29 -35.80
C VAL A 172 -13.88 -5.22 -34.89
N GLN A 173 -14.12 -5.35 -33.60
CA GLN A 173 -13.85 -4.25 -32.65
C GLN A 173 -12.94 -4.78 -31.61
N THR A 174 -11.85 -4.03 -31.33
CA THR A 174 -11.04 -4.32 -30.19
C THR A 174 -10.99 -3.10 -29.28
N VAL A 175 -11.28 -3.33 -28.01
CA VAL A 175 -11.54 -2.24 -27.09
C VAL A 175 -10.68 -2.32 -25.83
N THR A 176 -10.50 -1.18 -25.15
CA THR A 176 -9.86 -1.14 -23.83
C THR A 176 -10.96 -1.12 -22.78
N GLU A 177 -10.54 -1.07 -21.52
CA GLU A 177 -11.40 -0.71 -20.39
C GLU A 177 -12.47 -1.73 -19.98
N GLU A 178 -12.47 -2.93 -20.58
CA GLU A 178 -13.50 -3.89 -20.21
C GLU A 178 -13.36 -4.34 -18.76
N GLU A 179 -12.10 -4.40 -18.30
CA GLU A 179 -11.79 -4.92 -16.98
C GLU A 179 -11.96 -3.90 -15.85
N SER A 180 -12.28 -2.65 -16.19
CA SER A 180 -12.36 -1.56 -15.22
C SER A 180 -13.61 -0.68 -15.32
N THR A 181 -14.13 -0.44 -16.53
CA THR A 181 -15.30 0.43 -16.70
C THR A 181 -16.34 0.02 -17.70
N GLY A 182 -15.91 -0.64 -18.80
CA GLY A 182 -16.73 -0.90 -19.96
C GLY A 182 -16.80 0.28 -20.91
N ASN A 183 -16.05 1.35 -20.67
CA ASN A 183 -16.18 2.53 -21.50
C ASN A 183 -15.71 2.29 -22.92
N GLY A 184 -14.83 1.32 -23.15
CA GLY A 184 -14.33 1.09 -24.50
C GLY A 184 -15.44 0.53 -25.38
N ALA A 185 -16.15 -0.48 -24.86
CA ALA A 185 -17.36 -1.00 -25.55
C ALA A 185 -18.38 0.11 -25.76
N LEU A 186 -18.69 0.89 -24.73
CA LEU A 186 -19.67 1.96 -24.89
C LEU A 186 -19.24 2.99 -25.95
N SER A 187 -17.95 3.29 -26.03
CA SER A 187 -17.47 4.24 -27.01
C SER A 187 -17.70 3.77 -28.45
N THR A 188 -17.66 2.45 -28.71
CA THR A 188 -17.88 1.96 -30.07
C THR A 188 -19.31 2.26 -30.50
N LEU A 189 -20.24 2.25 -29.53
CA LEU A 189 -21.63 2.49 -29.79
C LEU A 189 -21.85 4.02 -29.91
N MSE A 190 -21.24 4.81 -29.04
CA MSE A 190 -21.31 6.28 -29.18
C MSE A 190 -20.72 6.73 -30.50
O MSE A 190 -21.24 7.68 -31.09
CB MSE A 190 -20.59 6.96 -28.01
CG MSE A 190 -21.27 6.71 -26.68
SE MSE A 190 -20.15 7.29 -25.24
CE MSE A 190 -20.45 9.18 -25.41
N ARG A 191 -19.65 6.08 -30.96
CA ARG A 191 -19.07 6.36 -32.29
C ARG A 191 -20.03 6.15 -33.48
N GLY A 192 -21.03 5.30 -33.28
CA GLY A 192 -22.05 5.05 -34.28
C GLY A 192 -22.18 3.64 -34.78
N TYR A 193 -21.32 2.72 -34.34
CA TYR A 193 -21.33 1.35 -34.88
C TYR A 193 -22.53 0.55 -34.37
N ARG A 194 -23.25 -0.08 -35.30
CA ARG A 194 -24.42 -0.88 -35.01
C ARG A 194 -24.34 -2.16 -35.82
N ALA A 195 -25.15 -3.14 -35.46
CA ALA A 195 -25.32 -4.33 -36.27
C ALA A 195 -26.54 -5.08 -35.77
N ASP A 196 -26.93 -6.09 -36.54
CA ASP A 196 -28.09 -6.91 -36.19
C ASP A 196 -27.80 -7.86 -35.00
N ALA A 197 -26.53 -8.10 -34.70
CA ALA A 197 -26.15 -8.87 -33.52
C ALA A 197 -24.71 -8.54 -33.11
N CYS A 198 -24.35 -8.93 -31.92
CA CYS A 198 -22.97 -8.83 -31.43
C CYS A 198 -22.56 -10.11 -30.72
N LEU A 199 -21.32 -10.55 -30.95
CA LEU A 199 -20.79 -11.68 -30.26
C LEU A 199 -19.42 -11.29 -29.68
N ILE A 200 -19.24 -11.61 -28.41
CA ILE A 200 -18.02 -11.34 -27.67
C ILE A 200 -17.46 -12.67 -27.15
N PRO A 201 -16.28 -13.10 -27.65
CA PRO A 201 -15.73 -14.39 -27.20
C PRO A 201 -14.88 -14.37 -25.91
N GLU A 202 -15.49 -13.88 -24.85
CA GLU A 202 -15.01 -14.11 -23.50
C GLU A 202 -14.82 -15.62 -23.33
N PRO A 203 -13.96 -16.03 -22.41
CA PRO A 203 -13.68 -17.46 -22.31
C PRO A 203 -14.75 -18.25 -21.53
N THR A 204 -15.94 -18.41 -22.10
CA THR A 204 -17.08 -19.01 -21.40
C THR A 204 -17.01 -20.56 -21.39
N GLY A 205 -15.92 -21.13 -21.90
CA GLY A 205 -15.80 -22.59 -21.98
C GLY A 205 -16.83 -23.20 -22.93
N HIS A 206 -17.06 -22.55 -24.07
CA HIS A 206 -18.03 -23.01 -25.07
C HIS A 206 -19.45 -22.97 -24.59
N THR A 207 -19.78 -22.11 -23.63
CA THR A 207 -21.17 -21.92 -23.16
C THR A 207 -21.70 -20.55 -23.53
N LEU A 208 -23.02 -20.42 -23.61
CA LEU A 208 -23.65 -19.12 -23.79
C LEU A 208 -23.91 -18.57 -22.39
N THR A 209 -23.49 -17.34 -22.15
CA THR A 209 -23.80 -16.69 -20.89
C THR A 209 -25.27 -16.22 -20.88
N ARG A 210 -26.10 -16.93 -20.15
CA ARG A 210 -27.55 -16.66 -20.03
C ARG A 210 -27.86 -15.39 -19.25
N ALA A 211 -27.14 -15.17 -18.15
CA ALA A 211 -27.33 -13.99 -17.29
C ALA A 211 -26.01 -13.66 -16.62
N GLN A 212 -25.82 -12.39 -16.30
CA GLN A 212 -24.59 -11.88 -15.74
C GLN A 212 -24.91 -10.80 -14.72
N VAL A 213 -24.15 -10.80 -13.63
CA VAL A 213 -24.21 -9.75 -12.63
C VAL A 213 -23.73 -8.41 -13.20
N GLY A 214 -24.13 -7.33 -12.56
CA GLY A 214 -23.47 -6.05 -12.66
C GLY A 214 -22.41 -5.91 -11.57
N ALA A 215 -21.74 -4.76 -11.54
CA ALA A 215 -20.75 -4.46 -10.54
C ALA A 215 -20.53 -2.97 -10.39
N VAL A 216 -20.15 -2.61 -9.18
CA VAL A 216 -19.70 -1.28 -8.81
C VAL A 216 -18.30 -1.32 -8.19
N TRP A 217 -17.38 -0.53 -8.74
CA TRP A 217 -16.11 -0.29 -8.06
C TRP A 217 -16.22 0.95 -7.20
N PHE A 218 -15.61 0.90 -6.02
CA PHE A 218 -15.51 2.06 -5.11
C PHE A 218 -14.26 1.99 -4.27
N ARG A 219 -13.74 3.18 -3.92
CA ARG A 219 -12.57 3.33 -3.13
C ARG A 219 -13.02 3.99 -1.85
N LEU A 220 -12.53 3.47 -0.72
CA LEU A 220 -12.76 4.10 0.59
C LEU A 220 -11.44 4.73 1.02
N ARG A 221 -11.49 6.03 1.36
CA ARG A 221 -10.35 6.78 1.80
C ARG A 221 -10.56 7.13 3.28
N VAL A 222 -9.79 6.45 4.14
CA VAL A 222 -9.78 6.71 5.57
C VAL A 222 -8.63 7.60 6.00
N ARG A 223 -9.01 8.29 7.08
N ARG A 223 -8.90 8.79 6.55
CA ARG A 223 -8.18 8.98 8.04
CA ARG A 223 -7.83 9.83 6.70
C ARG A 223 -8.31 8.39 9.47
C ARG A 223 -8.14 10.97 7.65
N GLY A 224 -7.60 8.99 10.40
N GLY A 224 -7.24 11.25 8.59
CA GLY A 224 -7.61 8.61 11.77
CA GLY A 224 -7.38 12.45 9.44
C GLY A 224 -6.58 9.55 12.31
C GLY A 224 -6.44 12.59 10.61
N THR A 225 -6.44 9.56 13.63
N THR A 225 -6.82 13.45 11.56
CA THR A 225 -5.52 10.46 14.29
CA THR A 225 -6.08 13.67 12.81
C THR A 225 -4.20 9.78 14.66
C THR A 225 -6.95 13.31 14.00
N PRO A 226 -3.12 10.11 13.93
N PRO A 226 -6.33 12.92 15.12
CA PRO A 226 -1.80 9.48 14.12
CA PRO A 226 -7.04 12.61 16.38
C PRO A 226 -1.11 9.98 15.37
C PRO A 226 -7.35 13.82 17.27
N VAL A 227 -0.61 9.06 16.20
N VAL A 227 -7.19 15.03 16.74
CA VAL A 227 0.20 9.36 17.38
CA VAL A 227 -7.34 16.22 17.54
C VAL A 227 1.47 8.44 17.46
C VAL A 227 -8.70 16.27 18.22
N HIS A 228 2.25 8.57 18.52
N HIS A 228 -9.72 15.72 17.55
CA HIS A 228 3.34 7.64 18.77
CA HIS A 228 -11.06 15.77 18.11
C HIS A 228 2.67 6.31 19.16
C HIS A 228 -11.43 14.43 18.75
N VAL A 229 3.11 5.18 18.61
N VAL A 229 -10.47 13.51 18.79
CA VAL A 229 2.59 3.91 19.09
CA VAL A 229 -10.68 12.26 19.48
C VAL A 229 2.65 3.86 20.62
C VAL A 229 -10.20 12.45 20.89
N ALA A 230 3.69 4.46 21.20
N ALA A 230 -11.14 12.73 21.78
CA ALA A 230 3.85 4.51 22.65
CA ALA A 230 -10.85 12.95 23.19
C ALA A 230 2.61 5.01 23.36
C ALA A 230 -10.34 11.67 23.84
N TYR A 231 1.79 5.77 22.63
N TYR A 231 -10.93 10.54 23.47
CA TYR A 231 0.59 6.37 23.22
CA TYR A 231 -10.50 9.23 23.98
C TYR A 231 -0.58 6.05 22.31
C TYR A 231 -11.00 8.09 23.10
N SER A 232 -0.56 4.83 21.76
N SER A 232 -10.14 7.09 22.90
CA SER A 232 -1.52 4.40 20.74
CA SER A 232 -10.50 5.83 22.23
C SER A 232 -2.99 4.73 21.10
C SER A 232 -9.72 4.68 22.90
N GLU A 233 -3.39 4.47 22.34
N GLU A 233 -10.42 3.70 23.48
CA GLU A 233 -4.77 4.70 22.76
CA GLU A 233 -9.73 2.56 24.10
C GLU A 233 -5.17 6.19 22.66
C GLU A 233 -8.95 1.77 23.07
N THR A 234 -4.18 7.09 22.72
N THR A 234 -9.34 1.90 21.80
CA THR A 234 -4.42 8.53 22.59
CA THR A 234 -8.78 1.10 20.71
C THR A 234 -5.02 8.87 21.22
C THR A 234 -7.75 1.86 19.86
N GLY A 235 -4.65 8.08 20.22
N GLY A 235 -7.44 3.09 20.25
CA GLY A 235 -5.04 8.34 18.85
CA GLY A 235 -6.52 3.88 19.46
C GLY A 235 -5.82 7.18 18.26
C GLY A 235 -7.23 4.53 18.29
N THR A 236 -5.92 7.12 16.95
N THR A 236 -6.44 5.08 17.37
CA THR A 236 -6.67 6.02 16.34
CA THR A 236 -6.94 5.94 16.32
C THR A 236 -5.88 5.45 15.15
C THR A 236 -6.40 5.52 14.94
N SER A 237 -6.16 4.24 14.73
CA SER A 237 -5.51 3.79 13.48
C SER A 237 -6.44 3.81 12.26
N ALA A 238 -6.05 4.52 11.20
CA ALA A 238 -6.80 4.49 9.98
C ALA A 238 -6.87 3.08 9.41
N ILE A 239 -5.81 2.30 9.63
CA ILE A 239 -5.82 0.89 9.18
C ILE A 239 -6.87 0.07 9.93
N LEU A 240 -6.96 0.23 11.24
CA LEU A 240 -7.95 -0.50 12.02
C LEU A 240 -9.35 -0.03 11.68
N SER A 241 -9.52 1.26 11.41
CA SER A 241 -10.80 1.78 10.94
C SER A 241 -11.16 1.23 9.56
N ALA A 242 -10.18 1.10 8.66
CA ALA A 242 -10.46 0.49 7.37
C ALA A 242 -10.96 -0.93 7.53
N MSE A 243 -10.40 -1.65 8.49
CA MSE A 243 -10.84 -3.01 8.75
C MSE A 243 -12.27 -3.11 9.26
O MSE A 243 -13.00 -4.02 8.88
CB MSE A 243 -9.89 -3.67 9.72
CG MSE A 243 -8.65 -4.04 9.00
SE MSE A 243 -7.30 -4.51 10.21
CE MSE A 243 -8.23 -5.84 11.44
N HIS A 244 -12.65 -2.12 10.08
CA HIS A 244 -14.00 -2.01 10.61
C HIS A 244 -14.97 -1.88 9.42
N LEU A 245 -14.62 -1.04 8.46
CA LEU A 245 -15.43 -0.90 7.25
C LEU A 245 -15.50 -2.16 6.38
N ILE A 246 -14.39 -2.87 6.27
CA ILE A 246 -14.36 -4.13 5.54
C ILE A 246 -15.37 -5.10 6.16
N ARG A 247 -15.31 -5.25 7.49
CA ARG A 247 -16.26 -6.10 8.21
C ARG A 247 -17.69 -5.67 7.94
N ALA A 248 -17.96 -4.36 7.93
CA ALA A 248 -19.29 -3.83 7.64
C ALA A 248 -19.78 -4.19 6.22
N PHE A 249 -18.88 -4.10 5.24
CA PHE A 249 -19.24 -4.47 3.90
C PHE A 249 -19.44 -5.98 3.73
N GLU A 250 -18.72 -6.76 4.52
CA GLU A 250 -18.89 -8.21 4.45
C GLU A 250 -20.28 -8.59 5.02
N GLU A 251 -20.65 -7.95 6.13
CA GLU A 251 -21.97 -8.16 6.72
C GLU A 251 -23.08 -7.74 5.76
N TYR A 252 -22.92 -6.57 5.12
CA TYR A 252 -23.90 -6.10 4.13
C TYR A 252 -24.02 -7.07 2.95
N THR A 253 -22.88 -7.56 2.44
CA THR A 253 -22.89 -8.51 1.33
C THR A 253 -23.61 -9.81 1.71
N LYS A 254 -23.38 -10.26 2.95
CA LYS A 254 -24.12 -11.38 3.50
C LYS A 254 -25.64 -11.16 3.46
N GLU A 255 -26.09 -9.99 3.91
CA GLU A 255 -27.53 -9.63 3.85
C GLU A 255 -28.01 -9.63 2.41
N LEU A 256 -27.22 -9.03 1.50
CA LEU A 256 -27.59 -9.02 0.09
C LEU A 256 -27.75 -10.41 -0.48
N ASN A 257 -26.84 -11.32 -0.13
CA ASN A 257 -26.96 -12.68 -0.63
C ASN A 257 -28.16 -13.41 -0.04
N ALA A 258 -28.54 -13.06 1.19
CA ALA A 258 -29.75 -13.59 1.81
C ALA A 258 -30.97 -13.25 0.93
N GLN A 259 -30.98 -12.03 0.38
CA GLN A 259 -32.07 -11.56 -0.48
C GLN A 259 -32.02 -12.05 -1.91
N ALA A 260 -30.89 -12.62 -2.31
CA ALA A 260 -30.69 -13.05 -3.67
C ALA A 260 -31.58 -14.19 -4.16
N VAL A 261 -32.24 -14.90 -3.24
CA VAL A 261 -33.16 -15.95 -3.62
C VAL A 261 -34.24 -15.43 -4.56
N ARG A 262 -34.49 -14.12 -4.57
CA ARG A 262 -35.56 -13.63 -5.41
C ARG A 262 -35.13 -13.25 -6.81
N ASP A 263 -33.86 -13.42 -7.13
CA ASP A 263 -33.41 -13.14 -8.51
C ASP A 263 -33.89 -14.27 -9.41
N PRO A 264 -34.51 -13.93 -10.55
CA PRO A 264 -35.07 -15.02 -11.34
C PRO A 264 -34.03 -15.93 -11.99
N TRP A 265 -32.78 -15.46 -12.12
CA TRP A 265 -31.68 -16.26 -12.73
C TRP A 265 -30.70 -16.83 -11.71
N PHE A 266 -30.39 -16.05 -10.67
CA PHE A 266 -29.32 -16.41 -9.74
C PHE A 266 -29.91 -16.87 -8.41
N GLY A 267 -31.22 -16.98 -8.33
CA GLY A 267 -31.89 -17.28 -7.06
C GLY A 267 -31.47 -18.54 -6.36
N GLN A 268 -31.07 -19.57 -7.11
CA GLN A 268 -30.60 -20.83 -6.53
C GLN A 268 -29.04 -20.94 -6.42
N VAL A 269 -28.32 -19.90 -6.80
CA VAL A 269 -26.86 -19.89 -6.69
C VAL A 269 -26.50 -19.48 -5.27
N LYS A 270 -25.54 -20.15 -4.66
CA LYS A 270 -25.07 -19.71 -3.32
C LYS A 270 -24.10 -18.54 -3.50
N ASN A 271 -24.41 -17.46 -2.79
CA ASN A 271 -23.54 -16.31 -2.77
C ASN A 271 -23.12 -15.73 -4.10
N PRO A 272 -24.11 -15.45 -4.97
CA PRO A 272 -23.81 -14.85 -6.25
C PRO A 272 -23.26 -13.42 -6.20
N ILE A 273 -23.56 -12.67 -5.15
CA ILE A 273 -23.00 -11.35 -5.04
C ILE A 273 -21.66 -11.43 -4.28
N LYS A 274 -20.59 -11.01 -4.96
CA LYS A 274 -19.25 -11.04 -4.37
C LYS A 274 -18.77 -9.63 -4.06
N PHE A 275 -18.18 -9.50 -2.88
CA PHE A 275 -17.46 -8.31 -2.43
C PHE A 275 -15.97 -8.62 -2.38
N ASN A 276 -15.16 -7.73 -2.90
CA ASN A 276 -13.71 -7.91 -2.87
C ASN A 276 -13.01 -6.63 -2.51
N VAL A 277 -12.01 -6.71 -1.62
CA VAL A 277 -11.09 -5.61 -1.36
C VAL A 277 -9.85 -6.02 -2.10
N GLY A 278 -9.63 -5.40 -3.26
CA GLY A 278 -8.57 -5.80 -4.19
C GLY A 278 -7.24 -5.17 -3.91
N ILE A 279 -7.24 -3.93 -3.39
CA ILE A 279 -6.02 -3.17 -3.18
C ILE A 279 -6.12 -2.45 -1.86
N ILE A 280 -5.04 -2.45 -1.11
CA ILE A 280 -4.97 -1.73 0.16
C ILE A 280 -3.61 -1.01 0.26
N LYS A 281 -3.64 0.21 0.80
CA LYS A 281 -2.44 0.99 1.11
C LYS A 281 -2.75 1.83 2.36
N GLY A 282 -1.78 2.03 3.21
CA GLY A 282 -2.00 2.82 4.40
C GLY A 282 -0.77 3.00 5.22
N GLY A 283 -0.71 4.14 5.91
CA GLY A 283 0.26 4.41 6.94
C GLY A 283 1.61 4.84 6.41
N ASP A 284 2.47 5.23 7.33
CA ASP A 284 3.81 5.74 7.01
C ASP A 284 4.99 5.14 7.80
N TRP A 285 4.73 4.56 8.97
CA TRP A 285 5.82 4.23 9.88
C TRP A 285 5.39 3.17 10.88
N ALA A 286 6.24 2.16 11.08
CA ALA A 286 5.90 1.01 11.95
C ALA A 286 5.55 1.47 13.35
N SER A 287 6.26 2.49 13.84
CA SER A 287 6.02 3.05 15.17
C SER A 287 5.19 4.34 15.20
N SER A 288 4.44 4.62 14.15
CA SER A 288 3.49 5.74 14.21
C SER A 288 2.12 5.17 13.93
N THR A 289 1.11 5.66 14.63
CA THR A 289 -0.27 5.24 14.39
C THR A 289 -0.66 5.69 12.99
N ALA A 290 -1.27 4.82 12.18
CA ALA A 290 -1.57 5.12 10.79
C ALA A 290 -2.59 6.27 10.65
N ALA A 291 -2.25 7.30 9.86
CA ALA A 291 -3.11 8.49 9.66
C ALA A 291 -4.03 8.34 8.45
N TRP A 292 -3.76 7.35 7.62
CA TRP A 292 -4.50 7.17 6.41
C TRP A 292 -4.50 5.71 5.94
N CYS A 293 -5.57 5.34 5.28
CA CYS A 293 -5.70 4.02 4.64
C CYS A 293 -6.71 4.07 3.50
N GLU A 294 -6.31 3.52 2.35
CA GLU A 294 -7.20 3.45 1.16
C GLU A 294 -7.41 2.02 0.66
N LEU A 295 -8.66 1.71 0.32
CA LEU A 295 -9.10 0.37 -0.07
C LEU A 295 -9.81 0.52 -1.41
N ASP A 296 -9.41 -0.25 -2.42
CA ASP A 296 -10.12 -0.31 -3.68
C ASP A 296 -10.98 -1.56 -3.72
N CYS A 297 -12.29 -1.41 -3.90
CA CYS A 297 -13.24 -2.50 -3.73
C CYS A 297 -14.15 -2.74 -4.95
N ARG A 298 -14.79 -3.90 -4.94
CA ARG A 298 -15.79 -4.26 -5.94
C ARG A 298 -16.97 -4.94 -5.27
N LEU A 299 -18.18 -4.57 -5.70
CA LEU A 299 -19.37 -5.22 -5.22
C LEU A 299 -20.26 -5.55 -6.42
N GLY A 300 -20.77 -6.79 -6.45
CA GLY A 300 -21.63 -7.21 -7.56
C GLY A 300 -23.06 -6.82 -7.27
N LEU A 301 -23.90 -6.91 -8.29
CA LEU A 301 -25.32 -6.67 -8.13
C LEU A 301 -26.06 -7.57 -9.12
N LEU A 302 -27.31 -7.86 -8.80
CA LEU A 302 -28.08 -8.90 -9.52
C LEU A 302 -29.05 -8.31 -10.57
N THR A 303 -29.75 -9.18 -11.30
CA THR A 303 -30.37 -8.74 -12.57
C THR A 303 -31.54 -7.76 -12.40
N GLY A 304 -32.19 -7.77 -11.23
CA GLY A 304 -33.24 -6.79 -10.93
C GLY A 304 -32.71 -5.52 -10.27
N ASP A 305 -31.41 -5.43 -10.02
CA ASP A 305 -30.83 -4.26 -9.38
C ASP A 305 -30.28 -3.34 -10.48
N THR A 306 -30.12 -2.08 -10.14
CA THR A 306 -29.47 -1.12 -10.98
C THR A 306 -28.19 -0.60 -10.30
N PRO A 307 -27.24 -0.16 -11.09
CA PRO A 307 -26.04 0.43 -10.54
C PRO A 307 -26.34 1.61 -9.58
N GLN A 308 -27.28 2.49 -9.92
CA GLN A 308 -27.66 3.62 -9.08
CA GLN A 308 -27.54 3.61 -9.05
C GLN A 308 -28.15 3.13 -7.72
N GLU A 309 -29.02 2.12 -7.73
CA GLU A 309 -29.51 1.54 -6.48
C GLU A 309 -28.37 0.91 -5.65
N ALA A 310 -27.52 0.12 -6.30
CA ALA A 310 -26.34 -0.49 -5.67
C ALA A 310 -25.48 0.59 -5.01
N MSE A 311 -25.26 1.67 -5.72
CA MSE A 311 -24.45 2.80 -5.23
C MSE A 311 -25.05 3.43 -3.98
O MSE A 311 -24.34 3.66 -2.99
CB MSE A 311 -24.27 3.84 -6.35
CG MSE A 311 -23.23 3.43 -7.34
SE MSE A 311 -23.39 4.31 -9.08
CE MSE A 311 -22.70 6.01 -8.54
N ARG A 312 -26.38 3.62 -3.98
CA ARG A 312 -27.05 4.12 -2.82
C ARG A 312 -26.91 3.17 -1.64
N GLY A 313 -27.00 1.87 -1.92
CA GLY A 313 -26.83 0.84 -0.89
C GLY A 313 -25.44 0.86 -0.27
N ILE A 314 -24.44 1.02 -1.11
CA ILE A 314 -23.05 1.13 -0.67
C ILE A 314 -22.87 2.39 0.19
N GLU A 315 -23.42 3.52 -0.24
CA GLU A 315 -23.35 4.75 0.56
C GLU A 315 -23.98 4.59 1.95
N LYS A 316 -25.10 3.89 2.03
CA LYS A 316 -25.77 3.67 3.31
C LYS A 316 -24.97 2.73 4.22
N CYS A 317 -24.45 1.64 3.65
CA CYS A 317 -23.67 0.70 4.41
C CYS A 317 -22.50 1.47 5.06
N LEU A 318 -21.81 2.27 4.26
CA LEU A 318 -20.73 3.13 4.76
C LEU A 318 -21.20 4.07 5.87
N ALA A 319 -22.27 4.85 5.61
CA ALA A 319 -22.77 5.82 6.56
C ALA A 319 -23.07 5.16 7.89
N ASP A 320 -23.72 4.02 7.85
CA ASP A 320 -24.06 3.29 9.07
C ASP A 320 -22.83 2.85 9.85
N ALA A 321 -21.76 2.48 9.14
CA ALA A 321 -20.54 1.99 9.77
C ALA A 321 -19.67 3.10 10.35
N GLN A 322 -19.81 4.34 9.88
CA GLN A 322 -18.95 5.43 10.38
C GLN A 322 -19.25 5.68 11.86
N ALA A 323 -20.55 5.64 12.17
CA ALA A 323 -21.06 5.89 13.49
C ALA A 323 -20.36 5.08 14.58
N THR A 324 -20.07 3.82 14.27
CA THR A 324 -19.66 2.86 15.29
C THR A 324 -18.13 2.73 15.45
N ASP A 325 -17.35 3.62 14.84
CA ASP A 325 -15.88 3.62 14.96
C ASP A 325 -15.46 4.98 15.50
N SER A 326 -14.56 4.98 16.48
CA SER A 326 -14.12 6.21 17.13
C SER A 326 -13.47 7.20 16.14
N PHE A 327 -12.34 6.82 15.52
CA PHE A 327 -11.63 7.70 14.56
C PHE A 327 -12.56 8.17 13.48
N LEU A 328 -13.40 7.28 12.91
CA LEU A 328 -14.35 7.66 11.83
C LEU A 328 -15.50 8.52 12.32
N SER A 329 -15.82 8.43 13.59
CA SER A 329 -16.92 9.24 14.11
C SER A 329 -16.51 10.72 14.04
N GLU A 330 -15.19 10.99 14.09
CA GLU A 330 -14.65 12.37 13.97
C GLU A 330 -13.92 12.66 12.65
N ASN A 331 -13.71 11.63 11.84
CA ASN A 331 -12.99 11.71 10.58
C ASN A 331 -13.74 10.79 9.60
N PRO A 332 -14.92 11.18 9.09
CA PRO A 332 -15.67 10.31 8.16
C PRO A 332 -14.86 9.86 6.93
N ALA A 333 -14.86 8.56 6.64
CA ALA A 333 -14.16 8.06 5.44
C ALA A 333 -14.85 8.58 4.19
N GLU A 334 -14.08 8.85 3.15
CA GLU A 334 -14.60 9.38 1.90
C GLU A 334 -14.79 8.20 0.92
N LEU A 335 -15.91 8.19 0.20
CA LEU A 335 -16.18 7.20 -0.81
C LEU A 335 -15.92 7.86 -2.16
N VAL A 336 -15.15 7.19 -3.01
CA VAL A 336 -14.86 7.64 -4.36
C VAL A 336 -15.32 6.58 -5.34
N TRP A 337 -16.12 6.99 -6.32
CA TRP A 337 -16.52 6.06 -7.37
C TRP A 337 -15.31 5.88 -8.30
N SER A 338 -14.77 4.65 -8.33
CA SER A 338 -13.47 4.36 -8.92
C SER A 338 -13.42 3.58 -10.25
N GLY A 339 -14.58 3.22 -10.80
CA GLY A 339 -14.64 2.47 -12.07
C GLY A 339 -16.05 1.99 -12.40
N PHE A 340 -16.21 0.66 -12.62
CA PHE A 340 -17.53 0.10 -12.95
C PHE A 340 -18.72 0.72 -12.23
N GLN A 341 -19.73 1.07 -13.02
CA GLN A 341 -21.08 1.28 -12.57
C GLN A 341 -21.95 0.48 -13.56
N ALA A 342 -21.80 -0.84 -13.52
CA ALA A 342 -22.12 -1.73 -14.63
C ALA A 342 -23.45 -2.41 -14.42
N ASP A 343 -24.32 -2.27 -15.41
CA ASP A 343 -25.59 -2.95 -15.43
C ASP A 343 -25.40 -4.46 -15.44
N PRO A 344 -26.31 -5.19 -14.79
CA PRO A 344 -26.41 -6.62 -15.05
C PRO A 344 -27.05 -6.81 -16.45
N ALA A 345 -27.08 -8.03 -16.95
CA ALA A 345 -27.73 -8.28 -18.23
C ALA A 345 -28.21 -9.73 -18.32
N VAL A 346 -29.18 -9.93 -19.20
CA VAL A 346 -29.75 -11.22 -19.51
C VAL A 346 -29.78 -11.40 -21.05
N CYS A 347 -29.42 -12.58 -21.52
CA CYS A 347 -29.62 -12.96 -22.91
C CYS A 347 -30.90 -13.76 -22.87
N GLU A 348 -32.04 -13.09 -23.14
CA GLU A 348 -33.32 -13.76 -23.03
C GLU A 348 -33.36 -14.94 -24.02
N PRO A 349 -33.86 -16.10 -23.56
CA PRO A 349 -33.89 -17.27 -24.45
C PRO A 349 -34.88 -17.13 -25.61
N GLY A 350 -34.75 -17.97 -26.65
CA GLY A 350 -35.71 -17.95 -27.75
C GLY A 350 -35.36 -17.04 -28.92
N GLY A 351 -34.22 -16.35 -28.85
CA GLY A 351 -33.82 -15.42 -29.91
C GLY A 351 -33.21 -16.16 -31.09
N VAL A 352 -33.33 -15.57 -32.28
CA VAL A 352 -32.78 -16.19 -33.51
C VAL A 352 -31.24 -16.24 -33.50
N ALA A 353 -30.58 -15.19 -33.02
CA ALA A 353 -29.10 -15.22 -32.88
C ALA A 353 -28.64 -16.45 -32.09
N GLU A 354 -29.25 -16.68 -30.93
CA GLU A 354 -28.94 -17.87 -30.14
C GLU A 354 -29.19 -19.19 -30.89
N ASP A 355 -30.27 -19.24 -31.68
CA ASP A 355 -30.56 -20.42 -32.52
C ASP A 355 -29.42 -20.66 -33.51
N VAL A 356 -28.91 -19.60 -34.11
CA VAL A 356 -27.86 -19.76 -35.09
C VAL A 356 -26.59 -20.23 -34.36
N LEU A 357 -26.30 -19.63 -33.20
CA LEU A 357 -25.13 -20.03 -32.41
C LEU A 357 -25.25 -21.49 -31.99
N THR A 358 -26.46 -21.90 -31.64
CA THR A 358 -26.70 -23.27 -31.20
C THR A 358 -26.35 -24.23 -32.32
N ALA A 359 -26.75 -23.91 -33.56
CA ALA A 359 -26.41 -24.77 -34.71
C ALA A 359 -24.89 -24.76 -34.99
N ALA A 360 -24.25 -23.61 -34.96
CA ALA A 360 -22.81 -23.51 -35.18
C ALA A 360 -22.07 -24.35 -34.14
N HIS A 361 -22.48 -24.21 -32.88
CA HIS A 361 -21.84 -24.92 -31.79
C HIS A 361 -21.95 -26.46 -31.98
N LYS A 362 -23.14 -26.96 -32.27
CA LYS A 362 -23.38 -28.39 -32.52
C LYS A 362 -22.50 -28.94 -33.65
N ALA A 363 -22.40 -28.20 -34.74
CA ALA A 363 -21.54 -28.57 -35.89
C ALA A 363 -20.07 -28.62 -35.47
N ALA A 364 -19.60 -27.63 -34.70
CA ALA A 364 -18.18 -27.54 -34.34
C ALA A 364 -17.76 -28.53 -33.25
N PHE A 365 -18.60 -28.72 -32.23
CA PHE A 365 -18.30 -29.52 -31.05
C PHE A 365 -19.07 -30.85 -30.94
N ASN A 366 -20.02 -31.09 -31.82
CA ASN A 366 -20.80 -32.34 -31.73
C ASN A 366 -21.39 -32.53 -30.34
N ALA A 367 -22.01 -31.48 -29.83
CA ALA A 367 -22.53 -31.44 -28.47
C ALA A 367 -23.55 -30.30 -28.37
N PRO A 368 -24.56 -30.45 -27.49
CA PRO A 368 -25.51 -29.34 -27.33
C PRO A 368 -24.88 -28.14 -26.64
N LEU A 369 -25.38 -26.95 -26.98
CA LEU A 369 -24.92 -25.70 -26.40
C LEU A 369 -25.54 -25.59 -25.03
N ASP A 370 -24.70 -25.50 -24.01
CA ASP A 370 -25.14 -25.23 -22.65
C ASP A 370 -25.16 -23.73 -22.38
N ALA A 371 -26.08 -23.28 -21.52
CA ALA A 371 -26.12 -21.88 -21.08
C ALA A 371 -25.72 -21.77 -19.63
N ARG A 372 -24.90 -20.78 -19.25
CA ARG A 372 -24.46 -20.66 -17.86
C ARG A 372 -24.67 -19.25 -17.32
N LEU A 373 -24.62 -19.12 -16.02
CA LEU A 373 -24.70 -17.80 -15.33
C LEU A 373 -23.32 -17.31 -15.12
N SER A 374 -23.10 -16.00 -15.09
CA SER A 374 -21.77 -15.47 -14.81
C SER A 374 -21.80 -14.51 -13.65
N THR A 375 -20.86 -14.67 -12.72
CA THR A 375 -20.78 -13.76 -11.56
C THR A 375 -19.72 -12.69 -11.83
N ALA A 376 -19.39 -12.52 -13.12
CA ALA A 376 -18.50 -11.44 -13.59
C ALA A 376 -19.23 -10.62 -14.63
N VAL A 377 -18.88 -9.36 -14.77
CA VAL A 377 -19.51 -8.54 -15.79
C VAL A 377 -18.86 -8.86 -17.14
N ASN A 378 -19.54 -8.49 -18.21
CA ASN A 378 -18.91 -8.39 -19.54
C ASN A 378 -19.59 -7.31 -20.38
N ASP A 379 -18.96 -6.94 -21.50
CA ASP A 379 -19.39 -5.82 -22.33
C ASP A 379 -20.64 -6.04 -23.19
N THR A 380 -21.22 -7.23 -23.17
CA THR A 380 -22.47 -7.46 -23.92
C THR A 380 -23.58 -6.56 -23.45
N ARG A 381 -23.54 -6.15 -22.18
CA ARG A 381 -24.54 -5.28 -21.56
C ARG A 381 -24.84 -4.01 -22.37
N TYR A 382 -23.81 -3.35 -22.90
CA TYR A 382 -24.05 -2.10 -23.61
C TYR A 382 -24.82 -2.34 -24.92
N TYR A 383 -24.41 -3.38 -25.63
CA TYR A 383 -24.99 -3.69 -26.92
C TYR A 383 -26.48 -3.95 -26.74
N SER A 384 -26.85 -4.79 -25.78
CA SER A 384 -28.22 -5.20 -25.61
C SER A 384 -29.06 -4.18 -24.77
N VAL A 385 -28.59 -3.86 -23.57
CA VAL A 385 -29.31 -2.96 -22.68
C VAL A 385 -29.45 -1.54 -23.25
N ASP A 386 -28.37 -0.98 -23.79
CA ASP A 386 -28.40 0.43 -24.15
C ASP A 386 -28.72 0.67 -25.61
N TYR A 387 -28.46 -0.31 -26.46
CA TYR A 387 -28.66 -0.17 -27.89
C TYR A 387 -29.56 -1.19 -28.55
N GLY A 388 -30.14 -2.13 -27.79
CA GLY A 388 -31.10 -3.07 -28.34
C GLY A 388 -30.52 -4.07 -29.36
N ILE A 389 -29.21 -4.30 -29.33
CA ILE A 389 -28.56 -5.25 -30.27
C ILE A 389 -28.48 -6.62 -29.55
N PRO A 390 -29.09 -7.66 -30.14
CA PRO A 390 -28.97 -9.01 -29.60
C PRO A 390 -27.49 -9.36 -29.39
N ALA A 391 -27.13 -9.75 -28.18
CA ALA A 391 -25.70 -9.93 -27.86
C ALA A 391 -25.44 -11.29 -27.22
N LEU A 392 -24.40 -11.96 -27.68
CA LEU A 392 -24.07 -13.30 -27.23
C LEU A 392 -22.66 -13.30 -26.65
N CYS A 393 -22.51 -13.79 -25.43
CA CYS A 393 -21.18 -13.99 -24.85
C CYS A 393 -20.86 -15.48 -24.96
N TYR A 394 -19.81 -15.82 -25.71
CA TYR A 394 -19.51 -17.22 -26.04
C TYR A 394 -18.10 -17.28 -26.54
N GLY A 395 -17.31 -18.17 -25.96
CA GLY A 395 -15.93 -18.31 -26.36
C GLY A 395 -15.21 -19.52 -25.80
N PRO A 396 -13.89 -19.47 -25.86
CA PRO A 396 -13.07 -20.67 -25.65
C PRO A 396 -12.87 -21.01 -24.18
N TYR A 397 -12.19 -22.14 -23.95
CA TYR A 397 -12.00 -22.72 -22.63
C TYR A 397 -10.56 -22.49 -22.17
N GLY A 398 -10.41 -21.95 -20.97
CA GLY A 398 -9.14 -22.06 -20.28
C GLY A 398 -9.30 -22.03 -18.78
N GLN A 399 -8.23 -21.65 -18.12
CA GLN A 399 -8.19 -21.64 -16.67
C GLN A 399 -7.40 -20.44 -16.16
N GLY A 400 -7.78 -19.97 -14.97
CA GLY A 400 -6.99 -18.99 -14.26
C GLY A 400 -7.22 -17.54 -14.70
N PRO A 401 -8.45 -17.17 -15.07
CA PRO A 401 -8.61 -15.69 -15.32
C PRO A 401 -8.27 -14.88 -14.08
N HIS A 402 -7.53 -13.80 -14.25
CA HIS A 402 -7.16 -12.91 -13.13
C HIS A 402 -6.30 -13.59 -12.06
N ALA A 403 -5.59 -14.65 -12.44
CA ALA A 403 -4.93 -15.55 -11.47
C ALA A 403 -3.56 -15.85 -12.01
N PHE A 404 -2.75 -16.55 -11.22
CA PHE A 404 -1.44 -16.98 -11.71
C PHE A 404 -1.63 -18.07 -12.74
N ASP A 405 -0.72 -18.10 -13.71
CA ASP A 405 -0.66 -19.19 -14.68
C ASP A 405 -1.94 -19.29 -15.51
N GLU A 406 -2.57 -18.14 -15.77
CA GLU A 406 -3.72 -18.08 -16.68
C GLU A 406 -3.33 -18.81 -17.98
N ARG A 407 -4.21 -19.65 -18.48
N ARG A 407 -4.22 -19.65 -18.48
CA ARG A 407 -3.85 -20.43 -19.67
CA ARG A 407 -3.87 -20.50 -19.63
C ARG A 407 -5.07 -20.77 -20.53
C ARG A 407 -5.07 -20.79 -20.52
N ILE A 408 -4.82 -21.01 -21.80
CA ILE A 408 -5.91 -21.32 -22.76
C ILE A 408 -5.58 -22.65 -23.40
N ASP A 409 -6.62 -23.47 -23.53
CA ASP A 409 -6.56 -24.77 -24.14
C ASP A 409 -6.63 -24.61 -25.69
N LEU A 410 -5.56 -24.99 -26.36
CA LEU A 410 -5.44 -24.72 -27.80
C LEU A 410 -6.37 -25.58 -28.67
N GLU A 411 -6.67 -26.80 -28.24
CA GLU A 411 -7.70 -27.61 -28.91
C GLU A 411 -9.06 -26.88 -28.84
N SER A 412 -9.44 -26.42 -27.65
CA SER A 412 -10.64 -25.59 -27.48
C SER A 412 -10.62 -24.36 -28.40
N LEU A 413 -9.48 -23.66 -28.45
CA LEU A 413 -9.37 -22.44 -29.25
C LEU A 413 -9.68 -22.75 -30.71
N ARG A 414 -9.10 -23.85 -31.19
CA ARG A 414 -9.28 -24.26 -32.58
C ARG A 414 -10.76 -24.55 -32.90
N LYS A 415 -11.43 -25.31 -32.05
CA LYS A 415 -12.84 -25.65 -32.26
C LYS A 415 -13.77 -24.44 -32.10
N THR A 416 -13.46 -23.59 -31.12
CA THR A 416 -14.22 -22.35 -30.92
C THR A 416 -14.10 -21.44 -32.13
N THR A 417 -12.90 -21.44 -32.74
CA THR A 417 -12.66 -20.60 -33.91
C THR A 417 -13.55 -21.11 -35.06
N LEU A 418 -13.62 -22.44 -35.21
CA LEU A 418 -14.55 -23.02 -36.17
C LEU A 418 -16.00 -22.65 -35.84
N SER A 419 -16.40 -22.78 -34.58
CA SER A 419 -17.74 -22.45 -34.16
C SER A 419 -18.17 -21.04 -34.56
N ILE A 420 -17.29 -20.09 -34.29
CA ILE A 420 -17.53 -18.68 -34.62
C ILE A 420 -17.61 -18.48 -36.14
N ALA A 421 -16.70 -19.09 -36.89
CA ALA A 421 -16.77 -19.12 -38.34
C ALA A 421 -18.12 -19.65 -38.88
N LEU A 422 -18.60 -20.76 -38.30
CA LEU A 422 -19.89 -21.30 -38.70
C LEU A 422 -21.05 -20.34 -38.36
N PHE A 423 -20.95 -19.67 -37.22
CA PHE A 423 -21.96 -18.68 -36.81
C PHE A 423 -22.00 -17.50 -37.79
N VAL A 424 -20.84 -16.97 -38.13
CA VAL A 424 -20.76 -15.88 -39.08
C VAL A 424 -21.32 -16.27 -40.44
N ALA A 425 -20.98 -17.48 -40.89
CA ALA A 425 -21.37 -17.97 -42.19
C ALA A 425 -22.90 -18.04 -42.30
N GLU A 426 -23.56 -18.53 -41.25
CA GLU A 426 -25.03 -18.64 -41.24
C GLU A 426 -25.73 -17.29 -40.93
N TRP A 427 -25.17 -16.52 -40.01
CA TRP A 427 -25.79 -15.26 -39.59
C TRP A 427 -25.71 -14.26 -40.73
N CYS A 428 -24.50 -14.08 -41.27
CA CYS A 428 -24.25 -13.07 -42.30
C CYS A 428 -24.55 -13.59 -43.68
N GLY A 429 -24.57 -14.91 -43.81
CA GLY A 429 -24.56 -15.56 -45.14
C GLY A 429 -23.17 -15.51 -45.73
N LEU A 430 -22.96 -16.28 -46.80
CA LEU A 430 -21.69 -16.24 -47.53
C LEU A 430 -21.89 -15.95 -49.00
N ARG A 431 -20.96 -15.19 -49.59
CA ARG A 431 -20.87 -15.06 -51.05
CA ARG A 431 -20.88 -15.05 -51.04
C ARG A 431 -19.50 -15.55 -51.49
N LYS A 432 -19.43 -16.12 -52.70
CA LYS A 432 -18.15 -16.61 -53.25
C LYS A 432 -17.28 -15.42 -53.59
N LEU A 433 -15.99 -15.48 -53.26
CA LEU A 433 -15.03 -14.51 -53.74
C LEU A 433 -14.90 -14.75 -55.23
N THR B 8 27.81 32.16 46.77
CA THR B 8 28.08 33.45 46.07
C THR B 8 28.91 33.19 44.82
N LYS B 9 30.00 32.44 45.00
CA LYS B 9 30.81 31.96 43.86
C LYS B 9 29.94 31.13 42.95
N SER B 10 29.23 30.20 43.58
CA SER B 10 28.40 29.24 42.87
C SER B 10 27.15 29.85 42.22
N ASP B 11 26.47 30.75 42.91
CA ASP B 11 25.30 31.45 42.36
C ASP B 11 25.69 32.36 41.19
N ALA B 12 26.87 32.99 41.30
CA ALA B 12 27.32 33.92 40.26
C ALA B 12 27.65 33.19 38.96
N ILE B 13 28.24 32.00 39.07
CA ILE B 13 28.52 31.19 37.89
C ILE B 13 27.19 30.74 37.22
N THR B 14 26.21 30.36 38.03
CA THR B 14 24.88 29.97 37.54
C THR B 14 24.18 31.15 36.86
N GLN B 15 24.14 32.29 37.54
CA GLN B 15 23.49 33.48 36.99
C GLN B 15 24.14 33.95 35.67
N SER B 16 25.43 33.63 35.50
CA SER B 16 26.17 33.91 34.26
C SER B 16 25.91 32.92 33.12
N LEU B 17 25.63 31.67 33.47
CA LEU B 17 25.24 30.70 32.44
C LEU B 17 23.84 31.03 31.94
N ARG B 18 22.95 31.36 32.87
CA ARG B 18 21.60 31.80 32.56
C ARG B 18 21.67 32.98 31.61
N ALA B 19 22.56 33.93 31.92
CA ALA B 19 22.76 35.09 31.06
C ALA B 19 23.21 34.66 29.67
N ALA B 20 24.18 33.75 29.62
CA ALA B 20 24.74 33.29 28.35
C ALA B 20 23.67 32.61 27.50
N VAL B 21 22.83 31.79 28.14
CA VAL B 21 21.76 31.11 27.44
C VAL B 21 20.75 32.08 26.86
N ASP B 22 20.40 33.13 27.60
CA ASP B 22 19.49 34.15 27.06
C ASP B 22 20.11 34.95 25.91
N ARG B 23 21.36 35.39 26.10
CA ARG B 23 22.12 36.10 25.04
C ARG B 23 22.11 35.34 23.71
N ASN B 24 22.38 34.05 23.78
CA ASN B 24 22.47 33.22 22.59
C ASN B 24 21.12 32.67 22.09
N PHE B 25 20.03 32.87 22.82
CA PHE B 25 18.76 32.16 22.55
C PHE B 25 18.10 32.42 21.21
N ASN B 26 18.17 33.66 20.77
CA ASN B 26 17.67 33.99 19.46
C ASN B 26 18.44 33.19 18.41
N ASP B 27 19.77 33.11 18.54
CA ASP B 27 20.60 32.32 17.62
C ASP B 27 20.20 30.84 17.67
N GLN B 28 19.97 30.34 18.88
CA GLN B 28 19.56 28.98 19.11
C GLN B 28 18.26 28.64 18.37
N VAL B 29 17.27 29.51 18.46
CA VAL B 29 15.98 29.26 17.81
C VAL B 29 16.17 29.22 16.28
N ALA B 30 16.97 30.15 15.74
CA ALA B 30 17.31 30.13 14.32
C ALA B 30 18.01 28.82 13.93
N PHE B 31 18.91 28.36 14.80
CA PHE B 31 19.68 27.13 14.59
C PHE B 31 18.72 25.94 14.48
N LEU B 32 17.82 25.83 15.45
CA LEU B 32 16.77 24.81 15.45
C LEU B 32 15.89 24.92 14.21
N GLN B 33 15.54 26.13 13.78
CA GLN B 33 14.68 26.28 12.59
C GLN B 33 15.39 25.69 11.38
N ARG B 34 16.68 25.99 11.25
CA ARG B 34 17.46 25.42 10.16
C ARG B 34 17.50 23.89 10.19
N MSE B 35 17.65 23.32 11.38
CA MSE B 35 17.65 21.86 11.50
C MSE B 35 16.32 21.28 11.03
O MSE B 35 16.30 20.26 10.32
CB MSE B 35 17.91 21.41 12.94
CG MSE B 35 19.26 21.76 13.46
SE MSE B 35 19.67 20.93 15.16
CE MSE B 35 20.18 19.24 14.64
N VAL B 36 15.23 21.88 11.47
CA VAL B 36 13.89 21.39 11.19
C VAL B 36 13.58 21.39 9.69
N GLN B 37 14.16 22.36 8.99
CA GLN B 37 14.08 22.46 7.56
C GLN B 37 14.85 21.38 6.82
N PHE B 38 15.77 20.67 7.45
CA PHE B 38 16.35 19.45 6.86
C PHE B 38 15.35 18.29 7.02
N ARG B 39 14.85 17.77 5.90
CA ARG B 39 13.91 16.66 5.93
C ARG B 39 14.70 15.36 6.03
N SER B 40 15.20 15.13 7.23
CA SER B 40 16.13 14.06 7.51
C SER B 40 15.38 12.80 7.95
N VAL B 41 14.42 12.41 7.13
CA VAL B 41 13.79 11.12 7.27
C VAL B 41 14.82 10.04 6.98
N ARG B 42 14.47 8.81 7.30
CA ARG B 42 15.40 7.69 7.15
C ARG B 42 15.94 7.61 5.74
N GLY B 43 17.27 7.49 5.65
CA GLY B 43 17.95 7.41 4.38
C GLY B 43 18.31 8.74 3.77
N GLU B 44 17.83 9.82 4.38
CA GLU B 44 17.95 11.17 3.80
CA GLU B 44 17.96 11.15 3.80
C GLU B 44 18.57 12.14 4.80
N GLU B 45 19.45 11.63 5.67
CA GLU B 45 20.03 12.39 6.80
C GLU B 45 21.38 13.06 6.51
N ALA B 46 22.04 12.68 5.42
CA ALA B 46 23.41 13.12 5.17
C ALA B 46 23.58 14.65 5.11
N PRO B 47 22.66 15.37 4.44
CA PRO B 47 22.81 16.84 4.40
C PRO B 47 22.73 17.48 5.80
N GLN B 48 21.84 16.98 6.65
CA GLN B 48 21.70 17.50 8.01
C GLN B 48 23.01 17.27 8.76
N GLN B 49 23.58 16.08 8.60
CA GLN B 49 24.82 15.71 9.27
C GLN B 49 26.06 16.48 8.77
N GLU B 50 26.14 16.70 7.47
CA GLU B 50 27.15 17.54 6.85
C GLU B 50 27.12 18.96 7.48
N TRP B 51 25.91 19.47 7.67
CA TRP B 51 25.71 20.80 8.21
C TRP B 51 26.12 20.83 9.67
N LEU B 52 25.66 19.86 10.44
CA LEU B 52 26.04 19.75 11.84
C LEU B 52 27.57 19.59 11.97
N ALA B 53 28.18 18.80 11.09
CA ALA B 53 29.65 18.63 11.14
C ALA B 53 30.39 19.98 10.98
N GLN B 54 29.93 20.77 10.02
CA GLN B 54 30.57 22.03 9.74
C GLN B 54 30.30 23.00 10.89
N GLN B 55 29.09 22.94 11.45
CA GLN B 55 28.73 23.74 12.64
C GLN B 55 29.64 23.44 13.82
N PHE B 56 29.93 22.16 14.05
CA PHE B 56 30.87 21.77 15.10
C PHE B 56 32.30 22.25 14.81
N ALA B 57 32.75 22.08 13.57
CA ALA B 57 34.06 22.56 13.11
C ALA B 57 34.23 24.04 13.40
N ASP B 58 33.17 24.80 13.09
CA ASP B 58 33.13 26.25 13.32
C ASP B 58 33.37 26.61 14.78
N ARG B 59 32.93 25.74 15.69
CA ARG B 59 33.09 25.95 17.13
C ARG B 59 34.40 25.38 17.70
N GLY B 60 35.23 24.80 16.84
CA GLY B 60 36.59 24.39 17.21
C GLY B 60 36.70 22.97 17.75
N TYR B 61 35.62 22.17 17.61
CA TYR B 61 35.67 20.76 17.97
C TYR B 61 36.51 19.96 16.96
N LYS B 62 37.14 18.87 17.41
CA LYS B 62 37.60 17.84 16.50
C LYS B 62 36.35 17.07 16.06
N VAL B 63 36.22 16.81 14.76
CA VAL B 63 34.98 16.27 14.22
C VAL B 63 35.29 14.96 13.53
N ASP B 64 34.55 13.92 13.89
CA ASP B 64 34.69 12.60 13.31
C ASP B 64 33.35 12.27 12.70
N THR B 65 33.30 12.14 11.37
CA THR B 65 32.09 11.66 10.68
CA THR B 65 32.10 11.69 10.65
C THR B 65 32.35 10.31 10.02
N PHE B 66 31.41 9.37 10.21
CA PHE B 66 31.57 8.00 9.75
C PHE B 66 30.22 7.33 9.57
N SER B 67 30.20 6.22 8.82
CA SER B 67 28.96 5.52 8.53
C SER B 67 28.81 4.30 9.42
N LEU B 68 27.61 3.75 9.43
CA LEU B 68 27.39 2.43 10.06
C LEU B 68 28.27 1.35 9.45
N ALA B 69 28.54 1.43 8.14
CA ALA B 69 29.44 0.48 7.48
C ALA B 69 30.88 0.67 7.92
N ASP B 70 31.28 1.90 8.23
CA ASP B 70 32.66 2.19 8.71
C ASP B 70 33.01 1.47 10.02
N VAL B 71 32.02 1.20 10.88
CA VAL B 71 32.28 0.45 12.11
C VAL B 71 31.83 -1.03 11.99
N ASP B 72 31.46 -1.46 10.79
CA ASP B 72 30.97 -2.84 10.53
C ASP B 72 29.84 -3.18 11.51
N ILE B 73 28.77 -2.40 11.43
CA ILE B 73 27.64 -2.44 12.38
C ILE B 73 27.14 -3.87 12.69
N ALA B 74 26.98 -4.70 11.66
CA ALA B 74 26.33 -6.03 11.85
C ALA B 74 27.18 -6.98 12.65
N SER B 75 28.40 -6.58 12.96
CA SER B 75 29.29 -7.42 13.71
C SER B 75 29.03 -7.38 15.24
N HIS B 76 28.13 -6.50 15.69
CA HIS B 76 27.81 -6.39 17.10
C HIS B 76 26.51 -7.14 17.33
N PRO B 77 26.42 -7.94 18.42
CA PRO B 77 25.18 -8.71 18.62
C PRO B 77 23.92 -7.88 18.87
N LYS B 78 24.08 -6.64 19.29
CA LYS B 78 22.91 -5.78 19.46
C LYS B 78 22.56 -4.95 18.22
N ALA B 79 23.32 -5.08 17.13
CA ALA B 79 22.95 -4.38 15.89
C ALA B 79 21.62 -4.96 15.44
N ALA B 80 20.77 -4.10 14.90
CA ALA B 80 19.46 -4.47 14.36
C ALA B 80 19.58 -4.46 12.83
N PRO B 81 18.83 -5.36 12.15
CA PRO B 81 18.83 -5.44 10.67
C PRO B 81 18.37 -4.13 10.05
N MSE B 82 18.89 -3.81 8.87
CA MSE B 82 18.67 -2.50 8.27
C MSE B 82 17.69 -2.46 7.08
O MSE B 82 17.54 -1.42 6.44
CB MSE B 82 20.05 -1.94 7.87
CG MSE B 82 20.86 -1.44 9.08
SE MSE B 82 20.17 0.26 9.64
CE MSE B 82 20.78 1.38 8.20
N ASP B 83 16.97 -3.55 6.85
CA ASP B 83 15.91 -3.59 5.84
C ASP B 83 16.48 -3.11 4.47
N THR B 84 15.92 -2.07 3.85
CA THR B 84 16.37 -1.62 2.53
C THR B 84 17.38 -0.46 2.59
N ILE B 85 17.80 -0.03 3.77
CA ILE B 85 18.67 1.12 3.93
C ILE B 85 20.12 0.72 3.95
N ASP B 86 20.92 1.34 3.09
CA ASP B 86 22.32 1.02 2.94
C ASP B 86 23.10 1.58 4.13
N PRO B 87 23.76 0.72 4.92
CA PRO B 87 24.52 1.21 6.07
C PRO B 87 25.68 2.17 5.73
N ALA B 88 26.21 2.06 4.52
CA ALA B 88 27.28 2.95 4.03
C ALA B 88 26.81 4.40 3.88
N GLY B 89 25.51 4.63 3.75
CA GLY B 89 25.00 6.00 3.58
C GLY B 89 24.49 6.63 4.86
N SER B 90 24.51 5.84 5.94
CA SER B 90 23.93 6.26 7.25
C SER B 90 25.02 6.84 8.16
N MSE B 91 25.03 8.18 8.23
CA MSE B 91 26.16 8.97 8.75
C MSE B 91 25.99 9.43 10.19
O MSE B 91 24.95 9.96 10.58
CB MSE B 91 26.36 10.20 7.86
CG MSE B 91 26.61 9.89 6.38
SE MSE B 91 28.09 8.62 5.96
CE MSE B 91 29.66 9.53 6.62
N GLN B 92 27.07 9.28 10.94
CA GLN B 92 27.14 9.72 12.34
C GLN B 92 28.16 10.86 12.47
N VAL B 93 27.95 11.76 13.44
CA VAL B 93 28.88 12.88 13.66
C VAL B 93 29.16 12.93 15.15
N VAL B 94 30.44 12.92 15.51
CA VAL B 94 30.85 13.01 16.90
C VAL B 94 31.89 14.12 17.01
N ALA B 95 31.54 15.18 17.75
CA ALA B 95 32.47 16.29 17.98
C ALA B 95 33.12 16.10 19.34
N THR B 96 34.43 16.30 19.42
CA THR B 96 35.21 16.09 20.64
C THR B 96 35.93 17.37 21.06
N ALA B 97 35.59 17.87 22.25
CA ALA B 97 36.39 18.84 22.97
C ALA B 97 37.31 18.09 23.94
N ASP B 98 38.58 17.94 23.57
CA ASP B 98 39.53 17.23 24.43
C ASP B 98 39.94 18.17 25.56
N SER B 99 40.37 17.59 26.68
CA SER B 99 40.77 18.35 27.86
C SER B 99 41.76 17.53 28.69
N ASP B 100 42.69 18.21 29.33
CA ASP B 100 43.58 17.60 30.29
C ASP B 100 43.02 17.74 31.72
N GLY B 101 41.79 18.27 31.84
CA GLY B 101 41.18 18.56 33.14
C GLY B 101 40.84 17.33 33.94
N LYS B 102 40.61 17.52 35.23
CA LYS B 102 40.41 16.41 36.18
C LYS B 102 38.94 16.06 36.42
N GLY B 103 38.01 16.75 35.75
CA GLY B 103 36.57 16.51 35.97
C GLY B 103 36.05 15.22 35.35
N ARG B 104 34.74 15.02 35.39
CA ARG B 104 34.12 13.82 34.81
C ARG B 104 33.76 14.04 33.33
N SER B 105 34.22 13.15 32.46
CA SER B 105 33.95 13.27 31.03
C SER B 105 32.47 13.02 30.75
N LEU B 106 31.95 13.59 29.66
CA LEU B 106 30.55 13.48 29.29
C LEU B 106 30.34 13.24 27.80
N ILE B 107 29.38 12.35 27.50
CA ILE B 107 28.75 12.26 26.17
C ILE B 107 27.38 12.95 26.18
N LEU B 108 27.18 13.88 25.24
CA LEU B 108 25.88 14.48 24.96
C LEU B 108 25.44 13.97 23.58
N GLN B 109 24.31 13.28 23.50
CA GLN B 109 23.90 12.64 22.24
C GLN B 109 22.46 12.94 21.89
N GLY B 110 22.18 13.17 20.61
CA GLY B 110 20.81 13.28 20.14
C GLY B 110 20.67 12.70 18.75
N HIS B 111 19.45 12.28 18.37
CA HIS B 111 19.23 11.77 17.03
C HIS B 111 18.70 12.86 16.15
N ILE B 112 19.09 12.81 14.88
CA ILE B 112 18.65 13.81 13.93
C ILE B 112 17.78 13.21 12.82
N ASP B 113 17.60 11.89 12.83
CA ASP B 113 16.56 11.27 12.01
C ASP B 113 15.21 11.68 12.58
N VAL B 114 14.23 11.86 11.70
CA VAL B 114 12.89 12.17 12.09
C VAL B 114 11.95 11.19 11.38
N VAL B 115 10.80 10.91 11.99
CA VAL B 115 9.80 10.00 11.40
C VAL B 115 9.03 10.73 10.33
N PRO B 116 8.39 9.97 9.40
CA PRO B 116 7.70 10.64 8.32
C PRO B 116 6.65 11.63 8.79
N GLU B 117 6.51 12.73 8.02
CA GLU B 117 5.53 13.74 8.35
C GLU B 117 4.08 13.28 8.20
N GLY B 118 3.83 12.30 7.36
CA GLY B 118 2.46 11.90 7.03
C GLY B 118 1.84 12.88 6.03
N PRO B 119 0.53 12.76 5.80
CA PRO B 119 -0.24 13.61 4.90
C PRO B 119 -0.01 15.11 5.11
N VAL B 120 0.62 15.77 4.16
CA VAL B 120 1.00 17.18 4.39
C VAL B 120 -0.21 18.09 4.56
N ASP B 121 -1.32 17.75 3.92
CA ASP B 121 -2.56 18.54 3.99
C ASP B 121 -3.20 18.60 5.38
N LEU B 122 -2.80 17.68 6.25
CA LEU B 122 -3.35 17.58 7.60
C LEU B 122 -2.51 18.34 8.64
N TRP B 123 -1.36 18.89 8.23
CA TRP B 123 -0.64 19.82 9.12
C TRP B 123 -1.24 21.21 9.02
N SER B 124 -1.38 21.92 10.14
CA SER B 124 -1.93 23.28 10.11
C SER B 124 -0.86 24.34 9.82
N ASP B 125 0.41 24.02 10.11
CA ASP B 125 1.54 24.74 9.56
C ASP B 125 2.46 23.70 8.94
N PRO B 126 3.16 24.04 7.86
CA PRO B 126 3.90 22.99 7.15
C PRO B 126 5.02 22.34 7.98
N PRO B 127 5.19 21.00 7.86
CA PRO B 127 6.04 20.27 8.80
C PRO B 127 7.54 20.62 8.77
N TYR B 128 8.03 21.14 7.65
CA TYR B 128 9.45 21.48 7.51
C TYR B 128 9.73 22.98 7.32
N GLU B 129 8.73 23.80 7.59
CA GLU B 129 8.93 25.25 7.61
C GLU B 129 9.46 25.79 8.94
N ALA B 130 9.12 25.12 10.06
CA ALA B 130 9.54 25.59 11.40
C ALA B 130 8.90 26.94 11.77
N LYS B 131 7.63 27.11 11.45
CA LYS B 131 6.89 28.28 11.85
C LYS B 131 6.89 28.42 13.37
N VAL B 132 7.20 29.64 13.83
CA VAL B 132 7.14 30.00 15.26
C VAL B 132 5.87 30.77 15.52
N ARG B 133 5.12 30.36 16.54
CA ARG B 133 3.78 30.91 16.80
C ARG B 133 3.33 30.75 18.26
N ASP B 134 2.98 31.86 18.90
CA ASP B 134 2.49 31.84 20.28
C ASP B 134 3.43 31.11 21.26
N GLY B 135 4.74 31.31 21.10
CA GLY B 135 5.75 30.74 21.96
C GLY B 135 6.12 29.27 21.68
N TRP B 136 5.55 28.72 20.60
CA TRP B 136 5.79 27.37 20.12
C TRP B 136 6.43 27.40 18.73
N MSE B 137 7.23 26.40 18.40
CA MSE B 137 7.67 26.19 17.02
C MSE B 137 7.06 24.87 16.58
O MSE B 137 7.16 23.85 17.27
CB MSE B 137 9.20 26.13 16.94
CG MSE B 137 9.76 25.95 15.51
SE MSE B 137 11.58 25.26 15.50
CE MSE B 137 12.41 26.81 16.28
N ILE B 138 6.42 24.89 15.40
CA ILE B 138 5.81 23.71 14.80
C ILE B 138 6.75 23.13 13.74
N GLY B 139 6.97 21.82 13.81
CA GLY B 139 7.75 21.12 12.80
C GLY B 139 7.94 19.68 13.14
N ARG B 140 8.10 18.84 12.11
CA ARG B 140 8.49 17.45 12.32
C ARG B 140 9.91 17.48 12.81
N GLY B 141 10.18 16.83 13.94
CA GLY B 141 11.50 16.90 14.56
C GLY B 141 11.73 18.06 15.51
N ALA B 142 10.86 19.07 15.53
CA ALA B 142 11.01 20.20 16.42
C ALA B 142 11.10 19.74 17.88
N GLN B 143 10.25 18.80 18.25
CA GLN B 143 10.17 18.26 19.60
C GLN B 143 11.02 16.99 19.72
N ASP B 144 10.92 16.13 18.69
CA ASP B 144 11.50 14.80 18.72
C ASP B 144 12.47 14.62 17.54
N MSE B 145 13.75 14.98 17.70
CA MSE B 145 14.30 15.59 18.95
C MSE B 145 15.31 16.70 18.63
O MSE B 145 16.24 16.97 19.39
CB MSE B 145 14.92 14.55 19.88
CG MSE B 145 16.19 13.92 19.38
SE MSE B 145 17.12 12.93 20.79
CE MSE B 145 17.94 14.52 21.59
N LYS B 146 15.09 17.38 17.52
CA LYS B 146 15.99 18.45 17.12
C LYS B 146 16.04 19.59 18.16
N GLY B 147 14.94 19.85 18.86
CA GLY B 147 14.93 20.82 19.94
C GLY B 147 15.97 20.48 20.99
N GLY B 148 15.94 19.24 21.46
CA GLY B 148 16.95 18.69 22.36
C GLY B 148 18.38 18.81 21.85
N VAL B 149 18.59 18.45 20.59
CA VAL B 149 19.90 18.64 19.95
C VAL B 149 20.34 20.10 20.03
N SER B 150 19.43 21.06 19.76
CA SER B 150 19.77 22.48 19.87
C SER B 150 20.13 22.82 21.31
N ALA B 151 19.44 22.20 22.27
CA ALA B 151 19.67 22.45 23.69
C ALA B 151 21.06 22.01 24.16
N MSE B 152 21.52 20.86 23.67
CA MSE B 152 22.83 20.36 24.09
C MSE B 152 23.99 21.15 23.48
O MSE B 152 25.00 21.41 24.16
CB MSE B 152 22.96 18.84 23.86
CG MSE B 152 23.14 18.40 22.42
SE MSE B 152 22.80 16.49 22.17
CE MSE B 152 23.65 16.32 20.43
N ILE B 153 23.87 21.54 22.21
CA ILE B 153 24.92 22.28 21.52
C ILE B 153 25.06 23.68 22.17
N PHE B 154 23.92 24.30 22.44
CA PHE B 154 23.92 25.67 22.95
C PHE B 154 24.19 25.75 24.45
N ALA B 155 23.98 24.63 25.16
CA ALA B 155 24.41 24.54 26.53
C ALA B 155 25.93 24.76 26.57
N LEU B 156 26.63 24.14 25.62
CA LEU B 156 28.09 24.25 25.54
C LEU B 156 28.51 25.61 25.01
N ASP B 157 27.74 26.18 24.08
CA ASP B 157 27.97 27.56 23.63
C ASP B 157 27.83 28.58 24.76
N ALA B 158 26.89 28.33 25.67
CA ALA B 158 26.62 29.20 26.83
C ALA B 158 27.79 29.23 27.78
N ILE B 159 28.30 28.05 28.11
CA ILE B 159 29.52 27.92 28.92
C ILE B 159 30.66 28.75 28.29
N ARG B 160 30.85 28.59 26.97
CA ARG B 160 31.85 29.38 26.25
C ARG B 160 31.57 30.89 26.33
N THR B 161 30.33 31.29 26.03
CA THR B 161 29.94 32.71 26.11
C THR B 161 30.17 33.32 27.49
N ALA B 162 29.96 32.52 28.52
CA ALA B 162 30.13 32.95 29.92
C ALA B 162 31.60 33.12 30.31
N GLY B 163 32.53 32.66 29.46
CA GLY B 163 33.96 32.81 29.68
C GLY B 163 34.62 31.55 30.21
N TYR B 164 33.96 30.40 30.05
CA TYR B 164 34.41 29.11 30.60
C TYR B 164 34.57 28.01 29.55
N ALA B 165 35.10 26.87 29.98
CA ALA B 165 35.13 25.66 29.17
C ALA B 165 34.98 24.48 30.13
N PRO B 166 34.39 23.38 29.66
CA PRO B 166 34.24 22.24 30.58
C PRO B 166 35.62 21.73 31.02
N ASP B 167 35.72 21.19 32.23
CA ASP B 167 37.05 20.82 32.77
C ASP B 167 37.29 19.32 32.63
N ALA B 168 36.85 18.79 31.49
CA ALA B 168 36.91 17.35 31.20
C ALA B 168 36.56 17.13 29.74
N ARG B 169 36.93 15.97 29.22
CA ARG B 169 36.64 15.63 27.83
C ARG B 169 35.11 15.56 27.60
N VAL B 170 34.66 16.10 26.48
CA VAL B 170 33.24 16.04 26.10
C VAL B 170 33.14 15.63 24.63
N HIS B 171 32.28 14.66 24.36
CA HIS B 171 31.89 14.33 22.99
C HIS B 171 30.43 14.72 22.78
N VAL B 172 30.14 15.35 21.65
CA VAL B 172 28.77 15.72 21.30
C VAL B 172 28.44 14.91 20.05
N GLN B 173 27.43 14.06 20.16
CA GLN B 173 27.14 13.07 19.14
C GLN B 173 25.79 13.32 18.51
N THR B 174 25.74 13.33 17.19
CA THR B 174 24.47 13.41 16.50
C THR B 174 24.37 12.17 15.61
N VAL B 175 23.28 11.42 15.78
CA VAL B 175 23.16 10.11 15.18
C VAL B 175 21.91 9.91 14.31
N THR B 176 21.98 8.92 13.42
CA THR B 176 20.81 8.47 12.67
C THR B 176 20.19 7.27 13.37
N GLU B 177 19.11 6.76 12.79
CA GLU B 177 18.57 5.43 13.10
C GLU B 177 17.95 5.24 14.46
N GLU B 178 17.78 6.29 15.25
CA GLU B 178 17.12 6.12 16.55
C GLU B 178 15.67 5.66 16.43
N GLU B 179 14.96 6.16 15.40
CA GLU B 179 13.54 5.88 15.23
C GLU B 179 13.25 4.54 14.59
N SER B 180 14.30 3.80 14.18
CA SER B 180 14.14 2.55 13.45
C SER B 180 14.97 1.37 13.99
N THR B 181 16.21 1.61 14.41
CA THR B 181 17.01 0.50 14.91
C THR B 181 17.78 0.79 16.17
N GLY B 182 18.27 2.02 16.30
CA GLY B 182 19.23 2.38 17.35
C GLY B 182 20.70 2.18 16.92
N ASN B 183 20.91 1.78 15.67
CA ASN B 183 22.26 1.43 15.23
C ASN B 183 23.18 2.65 15.23
N GLY B 184 22.65 3.85 15.12
CA GLY B 184 23.53 5.02 15.14
C GLY B 184 24.25 5.19 16.49
N ALA B 185 23.44 5.19 17.53
CA ALA B 185 23.93 5.26 18.90
C ALA B 185 24.95 4.15 19.12
N LEU B 186 24.60 2.92 18.73
CA LEU B 186 25.49 1.76 18.91
C LEU B 186 26.83 1.97 18.19
N SER B 187 26.77 2.53 16.98
CA SER B 187 27.98 2.73 16.19
C SER B 187 28.99 3.70 16.86
N THR B 188 28.48 4.68 17.58
CA THR B 188 29.39 5.63 18.27
C THR B 188 30.19 4.90 19.32
N LEU B 189 29.55 3.94 19.98
CA LEU B 189 30.24 3.12 20.96
C LEU B 189 31.20 2.12 20.32
N MSE B 190 30.78 1.53 19.20
CA MSE B 190 31.66 0.66 18.43
C MSE B 190 32.88 1.42 17.93
O MSE B 190 33.99 0.86 17.90
CB MSE B 190 30.89 0.08 17.24
CG MSE B 190 29.80 -0.88 17.68
SE MSE B 190 28.74 -1.56 16.27
CE MSE B 190 30.00 -2.96 15.66
N ARG B 191 32.70 2.69 17.59
CA ARG B 191 33.78 3.53 17.06
C ARG B 191 34.84 3.81 18.11
N GLY B 192 34.47 3.68 19.39
CA GLY B 192 35.43 3.86 20.50
C GLY B 192 35.05 4.89 21.55
N TYR B 193 33.96 5.62 21.36
CA TYR B 193 33.67 6.72 22.26
C TYR B 193 33.12 6.26 23.60
N ARG B 194 33.73 6.74 24.67
CA ARG B 194 33.33 6.45 26.04
C ARG B 194 33.29 7.77 26.79
N ALA B 195 32.58 7.77 27.92
CA ALA B 195 32.56 8.88 28.87
C ALA B 195 32.07 8.39 30.23
N ASP B 196 32.26 9.20 31.27
CA ASP B 196 31.81 8.87 32.62
C ASP B 196 30.28 8.90 32.74
N ALA B 197 29.62 9.56 31.81
CA ALA B 197 28.15 9.58 31.74
C ALA B 197 27.71 10.00 30.35
N CYS B 198 26.43 9.76 30.06
CA CYS B 198 25.76 10.11 28.78
C CYS B 198 24.40 10.75 29.06
N LEU B 199 24.04 11.83 28.37
CA LEU B 199 22.70 12.43 28.54
C LEU B 199 22.13 12.66 27.16
N ILE B 200 20.88 12.23 26.97
CA ILE B 200 20.18 12.36 25.69
C ILE B 200 18.91 13.20 25.91
N PRO B 201 18.83 14.39 25.31
CA PRO B 201 17.67 15.24 25.57
C PRO B 201 16.45 14.96 24.67
N GLU B 202 15.96 13.72 24.72
CA GLU B 202 14.63 13.41 24.19
C GLU B 202 13.64 14.32 24.86
N PRO B 203 12.46 14.54 24.25
CA PRO B 203 11.48 15.48 24.82
C PRO B 203 10.69 14.93 25.98
N THR B 204 11.36 14.75 27.13
CA THR B 204 10.75 14.09 28.29
C THR B 204 9.90 15.03 29.12
N GLY B 205 9.74 16.28 28.69
CA GLY B 205 9.00 17.25 29.50
C GLY B 205 9.65 17.57 30.82
N HIS B 206 10.98 17.67 30.79
CA HIS B 206 11.80 18.02 31.97
C HIS B 206 11.81 16.91 33.04
N THR B 207 11.50 15.68 32.64
CA THR B 207 11.51 14.56 33.59
C THR B 207 12.70 13.64 33.25
N LEU B 208 13.10 12.82 34.22
CA LEU B 208 14.07 11.77 33.96
C LEU B 208 13.31 10.52 33.64
N THR B 209 13.71 9.79 32.59
CA THR B 209 13.03 8.55 32.24
C THR B 209 13.61 7.46 33.11
N ARG B 210 12.79 6.95 34.03
CA ARG B 210 13.24 6.01 35.07
C ARG B 210 13.40 4.62 34.50
N ALA B 211 12.40 4.20 33.73
CA ALA B 211 12.46 2.92 33.00
C ALA B 211 11.83 3.10 31.64
N GLN B 212 12.21 2.25 30.69
CA GLN B 212 11.67 2.32 29.34
C GLN B 212 11.50 0.93 28.74
N VAL B 213 10.48 0.77 27.91
CA VAL B 213 10.28 -0.47 27.21
C VAL B 213 11.37 -0.67 26.15
N GLY B 214 11.47 -1.90 25.69
CA GLY B 214 12.18 -2.20 24.46
C GLY B 214 11.13 -2.41 23.36
N ALA B 215 11.58 -2.84 22.19
CA ALA B 215 10.69 -2.99 21.04
C ALA B 215 11.30 -3.88 19.97
N VAL B 216 10.42 -4.52 19.22
CA VAL B 216 10.74 -5.31 18.06
C VAL B 216 9.90 -4.83 16.87
N TRP B 217 10.57 -4.54 15.75
CA TRP B 217 9.92 -4.30 14.47
C TRP B 217 9.94 -5.60 13.68
N PHE B 218 8.81 -5.89 13.07
CA PHE B 218 8.72 -7.03 12.18
C PHE B 218 7.69 -6.76 11.08
N ARG B 219 7.95 -7.36 9.92
CA ARG B 219 7.07 -7.30 8.75
CA ARG B 219 7.05 -7.29 8.78
C ARG B 219 6.49 -8.68 8.50
N LEU B 220 5.19 -8.75 8.25
CA LEU B 220 4.55 -9.99 7.83
C LEU B 220 4.26 -9.87 6.34
N ARG B 221 4.70 -10.87 5.56
CA ARG B 221 4.48 -10.95 4.12
C ARG B 221 3.56 -12.14 3.84
N VAL B 222 2.34 -11.81 3.47
CA VAL B 222 1.28 -12.78 3.32
C VAL B 222 1.00 -12.98 1.84
N ARG B 223 0.84 -14.26 1.50
CA ARG B 223 0.26 -14.72 0.24
C ARG B 223 -1.25 -15.27 0.30
N GLY B 224 -1.87 -15.34 -0.87
CA GLY B 224 -3.19 -15.86 -1.00
C GLY B 224 -3.21 -16.38 -2.43
N THR B 225 -4.31 -17.08 -2.73
CA THR B 225 -4.49 -17.71 -4.01
CA THR B 225 -4.52 -17.72 -4.01
C THR B 225 -5.42 -16.80 -4.82
N PRO B 226 -4.82 -16.02 -5.78
CA PRO B 226 -5.65 -15.09 -6.56
C PRO B 226 -6.54 -15.78 -7.57
N VAL B 227 -7.80 -15.35 -7.60
CA VAL B 227 -8.80 -15.76 -8.55
C VAL B 227 -9.58 -14.51 -8.96
N HIS B 228 -10.44 -14.65 -9.97
CA HIS B 228 -11.40 -13.60 -10.31
C HIS B 228 -12.35 -13.41 -9.10
N VAL B 229 -12.68 -12.16 -8.76
CA VAL B 229 -13.69 -11.88 -7.72
C VAL B 229 -14.97 -12.73 -7.93
N ALA B 230 -15.44 -12.85 -9.18
CA ALA B 230 -16.58 -13.71 -9.55
C ALA B 230 -16.52 -15.15 -9.02
N TYR B 231 -15.29 -15.67 -8.82
CA TYR B 231 -15.05 -17.05 -8.36
C TYR B 231 -14.31 -17.05 -7.00
N SER B 232 -14.51 -16.01 -6.20
CA SER B 232 -13.66 -15.77 -4.99
C SER B 232 -13.61 -16.96 -4.01
N GLU B 233 -14.73 -17.69 -3.88
CA GLU B 233 -14.79 -18.91 -3.04
C GLU B 233 -13.74 -19.98 -3.42
N THR B 234 -13.37 -20.07 -4.70
CA THR B 234 -12.27 -20.98 -5.17
C THR B 234 -10.84 -20.48 -4.82
N GLY B 235 -10.71 -19.23 -4.41
CA GLY B 235 -9.41 -18.68 -3.98
C GLY B 235 -9.47 -18.12 -2.55
N THR B 236 -8.49 -17.31 -2.16
CA THR B 236 -8.46 -16.72 -0.81
C THR B 236 -8.07 -15.22 -0.95
N SER B 237 -8.09 -14.40 0.09
CA SER B 237 -7.41 -13.14 -0.07
C SER B 237 -6.23 -12.97 0.87
N ALA B 238 -5.07 -12.56 0.32
CA ALA B 238 -3.90 -12.22 1.16
C ALA B 238 -4.20 -11.07 2.13
N ILE B 239 -5.06 -10.14 1.73
CA ILE B 239 -5.41 -9.00 2.60
C ILE B 239 -6.30 -9.46 3.74
N LEU B 240 -7.30 -10.31 3.47
CA LEU B 240 -8.12 -10.87 4.55
C LEU B 240 -7.31 -11.76 5.51
N SER B 241 -6.36 -12.52 4.95
CA SER B 241 -5.45 -13.30 5.76
C SER B 241 -4.50 -12.44 6.62
N ALA B 242 -4.06 -11.29 6.09
CA ALA B 242 -3.28 -10.36 6.87
C ALA B 242 -4.12 -9.84 8.04
N MSE B 243 -5.39 -9.59 7.78
CA MSE B 243 -6.25 -9.13 8.85
C MSE B 243 -6.44 -10.13 9.96
O MSE B 243 -6.45 -9.75 11.14
CB MSE B 243 -7.55 -8.60 8.29
CG MSE B 243 -7.26 -7.34 7.57
SE MSE B 243 -8.70 -6.76 6.50
CE MSE B 243 -10.26 -7.44 7.74
N HIS B 244 -6.56 -11.41 9.59
CA HIS B 244 -6.55 -12.52 10.54
C HIS B 244 -5.31 -12.48 11.44
N LEU B 245 -4.14 -12.23 10.87
CA LEU B 245 -2.90 -12.13 11.66
C LEU B 245 -2.91 -10.92 12.58
N ILE B 246 -3.41 -9.79 12.10
CA ILE B 246 -3.55 -8.60 12.96
C ILE B 246 -4.40 -8.92 14.20
N ARG B 247 -5.54 -9.56 14.00
CA ARG B 247 -6.38 -9.95 15.13
C ARG B 247 -5.63 -10.85 16.08
N ALA B 248 -4.86 -11.77 15.51
CA ALA B 248 -4.09 -12.73 16.31
C ALA B 248 -3.07 -11.96 17.14
N PHE B 249 -2.37 -11.03 16.52
CA PHE B 249 -1.40 -10.23 17.27
C PHE B 249 -2.05 -9.32 18.34
N GLU B 250 -3.26 -8.83 18.07
CA GLU B 250 -3.99 -8.06 19.07
C GLU B 250 -4.34 -8.89 20.33
N GLU B 251 -4.73 -10.14 20.11
CA GLU B 251 -5.07 -11.05 21.20
C GLU B 251 -3.83 -11.39 22.04
N TYR B 252 -2.73 -11.64 21.34
CA TYR B 252 -1.47 -11.95 21.97
C TYR B 252 -1.07 -10.76 22.84
N THR B 253 -1.21 -9.56 22.28
CA THR B 253 -0.88 -8.33 23.01
C THR B 253 -1.73 -8.15 24.26
N LYS B 254 -3.02 -8.51 24.20
CA LYS B 254 -3.86 -8.49 25.39
C LYS B 254 -3.34 -9.47 26.44
N GLU B 255 -2.93 -10.67 26.01
CA GLU B 255 -2.38 -11.70 26.91
C GLU B 255 -1.09 -11.22 27.58
N LEU B 256 -0.21 -10.61 26.77
CA LEU B 256 1.04 -10.01 27.26
C LEU B 256 0.78 -8.91 28.31
N ASN B 257 -0.21 -8.05 28.06
CA ASN B 257 -0.55 -6.99 29.02
C ASN B 257 -1.24 -7.52 30.30
N ALA B 258 -1.97 -8.64 30.21
CA ALA B 258 -2.46 -9.31 31.43
C ALA B 258 -1.29 -9.79 32.30
N GLN B 259 -0.20 -10.21 31.66
CA GLN B 259 0.99 -10.62 32.41
C GLN B 259 1.89 -9.46 32.85
N ALA B 260 1.68 -8.25 32.29
CA ALA B 260 2.55 -7.08 32.55
C ALA B 260 2.60 -6.71 34.03
N VAL B 261 1.62 -7.18 34.79
CA VAL B 261 1.58 -6.90 36.24
C VAL B 261 2.76 -7.52 37.00
N ARG B 262 3.37 -8.54 36.41
CA ARG B 262 4.54 -9.17 37.00
C ARG B 262 5.80 -8.33 36.81
N ASP B 263 5.76 -7.29 35.95
CA ASP B 263 6.95 -6.46 35.72
C ASP B 263 7.20 -5.50 36.89
N PRO B 264 8.48 -5.39 37.35
CA PRO B 264 8.88 -4.49 38.46
C PRO B 264 8.44 -3.05 38.32
N TRP B 265 8.68 -2.47 37.15
CA TRP B 265 8.51 -1.03 36.93
C TRP B 265 7.16 -0.69 36.32
N PHE B 266 6.71 -1.51 35.35
CA PHE B 266 5.49 -1.23 34.60
C PHE B 266 4.28 -1.97 35.15
N GLY B 267 4.48 -2.72 36.24
CA GLY B 267 3.43 -3.56 36.84
C GLY B 267 2.07 -2.89 37.02
N GLN B 268 2.06 -1.62 37.41
CA GLN B 268 0.81 -0.92 37.72
C GLN B 268 0.41 0.06 36.61
N VAL B 269 1.04 -0.03 35.44
CA VAL B 269 0.61 0.75 34.29
C VAL B 269 -0.36 -0.05 33.40
N LYS B 270 -1.31 0.67 32.81
CA LYS B 270 -2.39 0.07 32.06
C LYS B 270 -1.92 -0.11 30.61
N ASN B 271 -1.92 -1.37 30.18
CA ASN B 271 -1.51 -1.76 28.83
C ASN B 271 -0.21 -1.16 28.35
N PRO B 272 0.89 -1.39 29.07
CA PRO B 272 2.16 -0.79 28.71
C PRO B 272 2.78 -1.36 27.44
N ILE B 273 2.39 -2.57 27.05
CA ILE B 273 2.88 -3.20 25.81
C ILE B 273 1.96 -2.80 24.67
N LYS B 274 2.54 -2.16 23.69
CA LYS B 274 1.81 -1.59 22.56
C LYS B 274 2.17 -2.36 21.30
N PHE B 275 1.15 -2.75 20.56
CA PHE B 275 1.29 -3.36 19.26
C PHE B 275 0.72 -2.40 18.23
N ASN B 276 1.44 -2.22 17.12
CA ASN B 276 1.01 -1.30 16.06
C ASN B 276 1.27 -1.88 14.69
N VAL B 277 0.23 -1.85 13.85
CA VAL B 277 0.41 -2.07 12.41
C VAL B 277 0.53 -0.67 11.76
N GLY B 278 1.75 -0.29 11.40
CA GLY B 278 2.01 1.05 10.97
C GLY B 278 1.91 1.28 9.47
N ILE B 279 2.20 0.24 8.69
CA ILE B 279 2.16 0.33 7.22
C ILE B 279 1.51 -0.93 6.68
N ILE B 280 0.65 -0.75 5.70
CA ILE B 280 0.02 -1.88 4.99
C ILE B 280 0.08 -1.62 3.49
N LYS B 281 0.30 -2.69 2.71
CA LYS B 281 0.24 -2.63 1.24
C LYS B 281 -0.26 -4.00 0.79
N GLY B 282 -1.01 -4.08 -0.29
CA GLY B 282 -1.33 -5.38 -0.85
C GLY B 282 -2.29 -5.30 -1.99
N GLY B 283 -2.27 -6.35 -2.81
CA GLY B 283 -3.19 -6.55 -3.91
C GLY B 283 -2.77 -5.80 -5.17
N ASP B 284 -3.48 -6.03 -6.26
CA ASP B 284 -3.21 -5.40 -7.59
C ASP B 284 -4.43 -4.89 -8.33
N TRP B 285 -5.61 -5.40 -8.01
CA TRP B 285 -6.76 -5.09 -8.84
C TRP B 285 -8.04 -5.25 -8.04
N ALA B 286 -8.97 -4.30 -8.21
CA ALA B 286 -10.22 -4.35 -7.44
C ALA B 286 -11.03 -5.59 -7.78
N SER B 287 -10.92 -6.11 -9.02
CA SER B 287 -11.66 -7.30 -9.42
C SER B 287 -10.79 -8.59 -9.51
N SER B 288 -9.69 -8.61 -8.80
CA SER B 288 -8.88 -9.82 -8.62
C SER B 288 -8.65 -10.02 -7.15
N THR B 289 -8.70 -11.27 -6.74
CA THR B 289 -8.36 -11.68 -5.38
C THR B 289 -6.92 -11.34 -5.03
N ALA B 290 -6.69 -10.70 -3.89
CA ALA B 290 -5.37 -10.20 -3.56
C ALA B 290 -4.41 -11.37 -3.31
N ALA B 291 -3.30 -11.35 -4.04
CA ALA B 291 -2.29 -12.41 -4.02
C ALA B 291 -1.18 -12.13 -3.00
N TRP B 292 -1.09 -10.90 -2.50
CA TRP B 292 -0.06 -10.52 -1.55
C TRP B 292 -0.51 -9.38 -0.68
N CYS B 293 0.04 -9.34 0.54
CA CYS B 293 -0.17 -8.23 1.48
C CYS B 293 1.02 -8.19 2.46
N GLU B 294 1.55 -6.99 2.72
CA GLU B 294 2.63 -6.77 3.66
C GLU B 294 2.22 -5.79 4.75
N LEU B 295 2.57 -6.14 5.99
CA LEU B 295 2.29 -5.34 7.21
C LEU B 295 3.62 -5.05 7.92
N ASP B 296 3.91 -3.78 8.19
CA ASP B 296 5.07 -3.39 8.98
C ASP B 296 4.56 -3.04 10.39
N CYS B 297 5.08 -3.78 11.35
CA CYS B 297 4.59 -3.80 12.72
C CYS B 297 5.64 -3.47 13.74
N ARG B 298 5.16 -3.16 14.96
CA ARG B 298 5.96 -2.91 16.11
C ARG B 298 5.28 -3.51 17.31
N LEU B 299 6.06 -4.18 18.15
CA LEU B 299 5.59 -4.70 19.46
C LEU B 299 6.56 -4.35 20.55
N GLY B 300 6.04 -3.82 21.66
CA GLY B 300 6.82 -3.51 22.83
C GLY B 300 7.19 -4.72 23.68
N LEU B 301 8.23 -4.55 24.49
CA LEU B 301 8.57 -5.51 25.53
C LEU B 301 9.01 -4.82 26.81
N LEU B 302 8.85 -5.51 27.94
CA LEU B 302 9.04 -4.85 29.23
C LEU B 302 10.42 -5.14 29.83
N THR B 303 10.67 -4.59 31.03
CA THR B 303 12.02 -4.55 31.58
C THR B 303 12.58 -5.93 31.90
N GLY B 304 11.72 -6.91 32.16
CA GLY B 304 12.14 -8.29 32.43
C GLY B 304 12.33 -9.18 31.21
N ASP B 305 11.94 -8.67 30.02
CA ASP B 305 12.11 -9.37 28.74
C ASP B 305 13.39 -8.99 27.98
N THR B 306 13.86 -9.88 27.11
CA THR B 306 14.90 -9.53 26.17
C THR B 306 14.28 -9.53 24.76
N PRO B 307 14.92 -8.88 23.79
CA PRO B 307 14.39 -8.91 22.44
C PRO B 307 14.32 -10.29 21.81
N GLN B 308 15.25 -11.17 22.15
CA GLN B 308 15.23 -12.49 21.54
CA GLN B 308 15.29 -12.52 21.60
C GLN B 308 14.08 -13.30 22.09
N GLU B 309 13.73 -13.09 23.37
CA GLU B 309 12.53 -13.73 23.96
C GLU B 309 11.29 -13.22 23.28
N ALA B 310 11.23 -11.91 23.05
CA ALA B 310 10.05 -11.28 22.43
C ALA B 310 9.94 -11.76 20.97
N MSE B 311 11.07 -11.87 20.29
CA MSE B 311 11.07 -12.45 18.91
C MSE B 311 10.56 -13.88 18.90
O MSE B 311 9.78 -14.23 18.00
CB MSE B 311 12.46 -12.39 18.25
CG MSE B 311 12.88 -10.97 17.86
SE MSE B 311 14.84 -10.70 17.86
CE MSE B 311 15.18 -11.79 16.32
N ARG B 312 10.98 -14.71 19.87
CA ARG B 312 10.44 -16.10 19.88
C ARG B 312 8.92 -16.07 20.10
N GLY B 313 8.45 -15.14 20.93
CA GLY B 313 7.01 -15.02 21.21
C GLY B 313 6.22 -14.60 19.98
N ILE B 314 6.78 -13.64 19.25
CA ILE B 314 6.22 -13.21 17.98
C ILE B 314 6.12 -14.37 17.00
N GLU B 315 7.19 -15.16 16.90
CA GLU B 315 7.21 -16.30 15.98
C GLU B 315 6.15 -17.33 16.35
N LYS B 316 6.00 -17.58 17.66
CA LYS B 316 4.98 -18.51 18.16
C LYS B 316 3.56 -18.02 17.89
N CYS B 317 3.31 -16.74 18.12
CA CYS B 317 2.00 -16.16 17.86
C CYS B 317 1.62 -16.34 16.40
N LEU B 318 2.58 -16.01 15.53
CA LEU B 318 2.39 -16.21 14.08
C LEU B 318 2.16 -17.69 13.75
N ALA B 319 2.99 -18.59 14.30
CA ALA B 319 2.87 -20.03 13.95
C ALA B 319 1.47 -20.56 14.31
N ASP B 320 1.01 -20.22 15.51
CA ASP B 320 -0.31 -20.62 15.96
C ASP B 320 -1.46 -20.06 15.10
N ALA B 321 -1.30 -18.85 14.58
CA ALA B 321 -2.33 -18.20 13.79
C ALA B 321 -2.36 -18.70 12.34
N GLN B 322 -1.25 -19.24 11.83
CA GLN B 322 -1.25 -19.80 10.46
C GLN B 322 -2.21 -21.00 10.36
N ALA B 323 -2.26 -21.81 11.41
CA ALA B 323 -3.02 -23.03 11.40
C ALA B 323 -4.54 -22.77 11.32
N THR B 324 -5.00 -21.59 11.73
CA THR B 324 -6.44 -21.30 11.77
C THR B 324 -6.98 -20.52 10.56
N ASP B 325 -6.18 -20.44 9.49
CA ASP B 325 -6.60 -19.73 8.28
C ASP B 325 -6.31 -20.68 7.11
N SER B 326 -7.29 -20.86 6.24
CA SER B 326 -7.11 -21.75 5.10
C SER B 326 -6.04 -21.25 4.13
N PHE B 327 -6.09 -19.96 3.77
CA PHE B 327 -5.14 -19.38 2.84
C PHE B 327 -3.73 -19.51 3.36
N LEU B 328 -3.56 -19.39 4.70
CA LEU B 328 -2.25 -19.46 5.40
C LEU B 328 -1.77 -20.85 5.72
N SER B 329 -2.68 -21.81 5.77
CA SER B 329 -2.27 -23.22 5.83
C SER B 329 -1.66 -23.67 4.49
N GLU B 330 -2.10 -23.08 3.35
CA GLU B 330 -1.54 -23.40 1.97
C GLU B 330 -0.43 -22.39 1.50
N ASN B 331 -0.40 -21.23 2.15
CA ASN B 331 0.51 -20.15 1.86
C ASN B 331 1.03 -19.54 3.20
N PRO B 332 1.91 -20.22 3.94
CA PRO B 332 2.35 -19.61 5.21
C PRO B 332 3.04 -18.24 5.04
N ALA B 333 2.72 -17.32 5.95
CA ALA B 333 3.24 -15.96 5.88
C ALA B 333 4.70 -15.94 6.28
N GLU B 334 5.48 -15.09 5.64
CA GLU B 334 6.87 -14.92 5.98
C GLU B 334 6.97 -13.82 7.04
N LEU B 335 7.87 -14.01 7.98
CA LEU B 335 8.24 -13.01 8.96
C LEU B 335 9.62 -12.45 8.64
N VAL B 336 9.68 -11.12 8.54
CA VAL B 336 10.93 -10.42 8.30
C VAL B 336 11.25 -9.53 9.54
N TRP B 337 12.47 -9.67 10.05
CA TRP B 337 12.93 -8.78 11.09
C TRP B 337 13.37 -7.47 10.41
N SER B 338 12.59 -6.42 10.61
CA SER B 338 12.62 -5.23 9.80
C SER B 338 13.24 -3.99 10.48
N GLY B 339 13.70 -4.13 11.71
CA GLY B 339 14.25 -2.99 12.46
C GLY B 339 14.54 -3.34 13.91
N PHE B 340 14.04 -2.52 14.84
CA PHE B 340 14.35 -2.67 16.27
C PHE B 340 14.39 -4.09 16.75
N GLN B 341 15.45 -4.40 17.49
CA GLN B 341 15.52 -5.57 18.35
C GLN B 341 16.10 -5.03 19.65
N ALA B 342 15.33 -4.11 20.24
CA ALA B 342 15.83 -3.18 21.22
C ALA B 342 15.58 -3.62 22.65
N ASP B 343 16.64 -3.60 23.46
CA ASP B 343 16.51 -3.83 24.89
C ASP B 343 15.64 -2.78 25.60
N PRO B 344 14.94 -3.20 26.66
CA PRO B 344 14.40 -2.21 27.58
C PRO B 344 15.56 -1.68 28.45
N ALA B 345 15.31 -0.68 29.28
CA ALA B 345 16.38 -0.10 30.09
C ALA B 345 15.79 0.51 31.33
N VAL B 346 16.63 0.58 32.38
CA VAL B 346 16.29 1.22 33.63
C VAL B 346 17.42 2.19 34.02
N CYS B 347 17.05 3.41 34.40
CA CYS B 347 17.99 4.30 35.08
C CYS B 347 17.91 4.01 36.57
N GLU B 348 18.86 3.20 37.07
CA GLU B 348 18.83 2.72 38.44
C GLU B 348 18.94 3.94 39.35
N PRO B 349 17.98 4.08 40.28
CA PRO B 349 18.02 5.24 41.16
C PRO B 349 19.23 5.23 42.08
N GLY B 350 19.56 6.42 42.59
CA GLY B 350 20.64 6.59 43.57
C GLY B 350 21.99 6.89 42.95
N GLY B 351 22.06 7.07 41.64
CA GLY B 351 23.34 7.35 40.98
C GLY B 351 23.76 8.80 41.16
N VAL B 352 25.08 9.03 41.19
CA VAL B 352 25.61 10.39 41.30
C VAL B 352 25.20 11.26 40.10
N ALA B 353 25.23 10.71 38.88
CA ALA B 353 24.83 11.48 37.68
C ALA B 353 23.43 12.07 37.84
N GLU B 354 22.49 11.26 38.33
CA GLU B 354 21.14 11.75 38.62
C GLU B 354 21.14 12.83 39.70
N ASP B 355 22.01 12.72 40.70
CA ASP B 355 22.09 13.74 41.75
C ASP B 355 22.50 15.06 41.12
N VAL B 356 23.52 15.04 40.26
CA VAL B 356 23.96 16.27 39.59
C VAL B 356 22.85 16.87 38.73
N LEU B 357 22.12 16.03 37.98
CA LEU B 357 20.98 16.50 37.15
C LEU B 357 19.84 17.04 38.01
N THR B 358 19.66 16.46 39.19
CA THR B 358 18.63 16.91 40.11
C THR B 358 18.91 18.34 40.55
N ALA B 359 20.19 18.60 40.84
CA ALA B 359 20.63 19.92 41.32
C ALA B 359 20.63 20.95 40.18
N ALA B 360 21.07 20.53 38.98
CA ALA B 360 21.01 21.38 37.81
C ALA B 360 19.56 21.76 37.44
N HIS B 361 18.64 20.78 37.49
CA HIS B 361 17.19 20.99 37.28
C HIS B 361 16.60 21.94 38.29
N LYS B 362 16.96 21.75 39.58
CA LYS B 362 16.48 22.61 40.67
C LYS B 362 16.80 24.08 40.34
N ALA B 363 18.07 24.32 40.02
CA ALA B 363 18.55 25.65 39.67
C ALA B 363 17.86 26.25 38.45
N ALA B 364 17.62 25.42 37.42
CA ALA B 364 17.02 25.90 36.17
C ALA B 364 15.50 26.12 36.23
N PHE B 365 14.77 25.22 36.89
CA PHE B 365 13.29 25.21 36.89
C PHE B 365 12.65 25.57 38.25
N ASN B 366 13.47 25.65 39.30
CA ASN B 366 12.95 25.92 40.62
C ASN B 366 11.79 24.96 40.94
N ALA B 367 12.08 23.67 40.77
CA ALA B 367 11.15 22.58 41.05
C ALA B 367 11.94 21.29 41.17
N PRO B 368 11.33 20.29 41.83
CA PRO B 368 11.99 18.99 41.90
C PRO B 368 11.93 18.24 40.59
N LEU B 369 12.92 17.39 40.36
CA LEU B 369 12.99 16.53 39.20
C LEU B 369 12.11 15.30 39.39
N ASP B 370 11.13 15.12 38.50
CA ASP B 370 10.24 13.95 38.53
C ASP B 370 10.78 12.90 37.58
N ALA B 371 10.46 11.65 37.90
CA ALA B 371 10.90 10.50 37.14
C ALA B 371 9.64 9.95 36.52
N ARG B 372 9.75 9.45 35.29
CA ARG B 372 8.61 8.88 34.58
C ARG B 372 8.99 7.59 33.82
N LEU B 373 7.97 6.81 33.52
CA LEU B 373 8.12 5.58 32.77
C LEU B 373 7.92 5.94 31.30
N SER B 374 8.46 5.13 30.39
CA SER B 374 8.26 5.42 28.97
C SER B 374 7.94 4.14 28.23
N THR B 375 6.85 4.19 27.48
CA THR B 375 6.43 3.11 26.59
C THR B 375 6.96 3.31 25.17
N ALA B 376 7.98 4.17 25.03
CA ALA B 376 8.76 4.32 23.79
C ALA B 376 10.22 3.96 24.10
N VAL B 377 10.94 3.41 23.13
CA VAL B 377 12.38 3.18 23.27
C VAL B 377 13.19 4.51 23.17
N ASN B 378 14.44 4.50 23.65
CA ASN B 378 15.41 5.57 23.32
C ASN B 378 16.81 4.99 23.41
N ASP B 379 17.78 5.74 22.91
CA ASP B 379 19.14 5.22 22.76
C ASP B 379 19.98 5.11 24.02
N THR B 380 19.50 5.54 25.18
CA THR B 380 20.34 5.44 26.37
C THR B 380 20.64 3.98 26.68
N ARG B 381 19.79 3.07 26.22
CA ARG B 381 19.97 1.64 26.48
C ARG B 381 21.36 1.12 26.08
N TYR B 382 21.95 1.61 24.98
CA TYR B 382 23.25 1.09 24.53
C TYR B 382 24.33 1.49 25.53
N TYR B 383 24.25 2.73 25.97
CA TYR B 383 25.27 3.29 26.85
C TYR B 383 25.30 2.56 28.18
N SER B 384 24.13 2.33 28.78
CA SER B 384 24.10 1.74 30.12
C SER B 384 24.11 0.20 30.10
N VAL B 385 23.27 -0.41 29.26
CA VAL B 385 23.17 -1.89 29.16
C VAL B 385 24.44 -2.51 28.55
N ASP B 386 24.92 -1.95 27.46
CA ASP B 386 26.03 -2.58 26.75
C ASP B 386 27.43 -2.09 27.09
N TYR B 387 27.55 -0.86 27.58
CA TYR B 387 28.87 -0.27 27.82
C TYR B 387 29.07 0.22 29.26
N GLY B 388 28.10 -0.04 30.14
CA GLY B 388 28.21 0.32 31.55
C GLY B 388 28.41 1.80 31.84
N ILE B 389 27.89 2.65 30.95
CA ILE B 389 27.95 4.12 31.12
C ILE B 389 26.63 4.60 31.73
N PRO B 390 26.67 5.24 32.91
CA PRO B 390 25.49 5.93 33.43
C PRO B 390 24.88 6.82 32.36
N ALA B 391 23.57 6.69 32.18
CA ALA B 391 22.88 7.34 31.06
C ALA B 391 21.63 8.00 31.58
N LEU B 392 21.34 9.21 31.12
CA LEU B 392 20.17 9.96 31.59
C LEU B 392 19.39 10.40 30.36
N CYS B 393 18.10 10.10 30.35
CA CYS B 393 17.24 10.59 29.30
C CYS B 393 16.42 11.72 29.89
N TYR B 394 16.61 12.93 29.37
CA TYR B 394 16.04 14.13 29.98
C TYR B 394 16.09 15.26 28.99
N GLY B 395 14.94 15.87 28.72
CA GLY B 395 14.90 16.97 27.78
C GLY B 395 13.68 17.88 27.84
N PRO B 396 13.49 18.66 26.78
CA PRO B 396 12.48 19.72 26.73
C PRO B 396 11.04 19.22 26.55
N TYR B 397 10.08 20.14 26.61
CA TYR B 397 8.65 19.81 26.55
C TYR B 397 8.10 20.24 25.24
N GLY B 398 7.24 19.39 24.68
CA GLY B 398 6.49 19.74 23.50
C GLY B 398 5.31 18.80 23.34
N GLN B 399 4.69 18.81 22.18
CA GLN B 399 3.50 18.01 21.92
C GLN B 399 3.58 17.41 20.52
N GLY B 400 2.95 16.25 20.39
CA GLY B 400 2.72 15.60 19.11
C GLY B 400 3.92 14.86 18.51
N PRO B 401 4.67 14.12 19.32
CA PRO B 401 5.71 13.33 18.66
C PRO B 401 5.12 12.33 17.69
N HIS B 402 5.76 12.14 16.54
CA HIS B 402 5.25 11.20 15.51
C HIS B 402 3.81 11.52 15.07
N ALA B 403 3.41 12.79 15.18
CA ALA B 403 2.03 13.19 14.92
C ALA B 403 2.00 14.46 14.10
N PHE B 404 0.79 14.92 13.81
CA PHE B 404 0.56 16.15 13.12
C PHE B 404 0.82 17.30 14.07
N ASP B 405 1.39 18.37 13.55
CA ASP B 405 1.58 19.59 14.32
C ASP B 405 2.43 19.36 15.57
N GLU B 406 3.41 18.46 15.42
CA GLU B 406 4.46 18.32 16.38
C GLU B 406 5.04 19.72 16.63
N ARG B 407 5.22 20.04 17.91
CA ARG B 407 5.65 21.39 18.30
C ARG B 407 6.40 21.36 19.61
N ILE B 408 7.27 22.35 19.80
CA ILE B 408 8.10 22.45 21.01
C ILE B 408 7.92 23.80 21.68
N ASP B 409 7.81 23.77 23.00
CA ASP B 409 7.59 24.96 23.83
C ASP B 409 8.90 25.73 23.94
N LEU B 410 8.94 26.95 23.40
CA LEU B 410 10.24 27.62 23.33
C LEU B 410 10.77 28.05 24.70
N GLU B 411 9.89 28.34 25.66
CA GLU B 411 10.38 28.67 27.01
C GLU B 411 10.85 27.43 27.76
N SER B 412 10.18 26.30 27.57
CA SER B 412 10.71 25.01 28.04
C SER B 412 12.12 24.80 27.53
N LEU B 413 12.33 25.09 26.24
CA LEU B 413 13.62 24.87 25.58
C LEU B 413 14.74 25.74 26.18
N ARG B 414 14.43 27.01 26.42
CA ARG B 414 15.36 27.89 27.08
C ARG B 414 15.74 27.34 28.43
N LYS B 415 14.76 26.98 29.24
CA LYS B 415 15.06 26.46 30.61
C LYS B 415 15.80 25.12 30.58
N THR B 416 15.50 24.30 29.57
CA THR B 416 16.08 22.97 29.48
C THR B 416 17.53 23.12 29.06
N THR B 417 17.78 24.11 28.18
CA THR B 417 19.15 24.44 27.75
C THR B 417 20.01 24.90 28.93
N LEU B 418 19.42 25.68 29.82
CA LEU B 418 20.10 26.14 31.01
C LEU B 418 20.41 24.95 31.93
N SER B 419 19.40 24.11 32.17
CA SER B 419 19.55 22.90 33.00
C SER B 419 20.70 22.05 32.53
N ILE B 420 20.74 21.77 31.22
CA ILE B 420 21.83 20.98 30.66
C ILE B 420 23.21 21.66 30.83
N ALA B 421 23.26 22.98 30.60
CA ALA B 421 24.50 23.77 30.85
C ALA B 421 24.95 23.65 32.30
N LEU B 422 24.02 23.75 33.24
CA LEU B 422 24.35 23.67 34.67
C LEU B 422 24.82 22.23 35.00
N PHE B 423 24.22 21.24 34.33
CA PHE B 423 24.61 19.85 34.53
C PHE B 423 26.06 19.65 34.10
N VAL B 424 26.39 20.11 32.90
CA VAL B 424 27.76 20.04 32.35
C VAL B 424 28.78 20.73 33.30
N ALA B 425 28.42 21.89 33.81
CA ALA B 425 29.30 22.66 34.69
C ALA B 425 29.67 21.90 35.96
N GLU B 426 28.69 21.27 36.60
CA GLU B 426 28.93 20.52 37.83
C GLU B 426 29.57 19.16 37.49
N TRP B 427 29.07 18.48 36.47
CA TRP B 427 29.56 17.14 36.15
C TRP B 427 31.01 17.18 35.67
N CYS B 428 31.27 17.99 34.64
CA CYS B 428 32.62 18.14 34.08
C CYS B 428 33.52 19.13 34.84
N GLY B 429 32.92 20.05 35.61
CA GLY B 429 33.67 21.18 36.15
C GLY B 429 33.96 22.22 35.09
N LEU B 430 34.28 23.44 35.52
CA LEU B 430 34.61 24.53 34.60
C LEU B 430 36.05 25.02 34.79
N ARG B 431 36.60 25.61 33.73
CA ARG B 431 37.88 26.31 33.78
CA ARG B 431 37.85 26.34 33.82
C ARG B 431 37.71 27.59 32.99
N LYS B 432 38.57 28.57 33.23
CA LYS B 432 38.51 29.82 32.50
C LYS B 432 38.82 29.56 31.01
N LEU B 433 37.99 30.10 30.11
CA LEU B 433 38.16 29.88 28.67
C LEU B 433 39.47 30.49 28.20
ZN ZN C . -12.70 -10.67 -20.23
ZN ZN D . -11.58 -10.37 -16.98
C1 EDO E . -31.24 -12.50 -28.12
O1 EDO E . -31.94 -12.11 -29.30
C2 EDO E . -30.09 -13.45 -28.51
O2 EDO E . -30.56 -14.63 -29.19
C1 EDO F . -26.24 -17.43 1.53
O1 EDO F . -27.10 -16.30 1.63
C2 EDO F . -26.67 -18.33 0.37
O2 EDO F . -26.49 -17.68 -0.90
C1 EDO G . -31.59 -7.67 -27.76
O1 EDO G . -32.30 -8.90 -27.85
C2 EDO G . -32.59 -6.60 -27.38
O2 EDO G . -32.60 -6.46 -25.97
C1 EDO H . -36.21 -9.68 -8.40
O1 EDO H . -35.15 -9.63 -9.35
C2 EDO H . -37.08 -8.44 -8.53
O2 EDO H . -36.29 -7.26 -8.35
C1 EDO I . 1.45 -12.06 -38.01
O1 EDO I . 1.45 -10.64 -38.09
C2 EDO I . 0.99 -12.45 -36.61
O2 EDO I . 2.07 -13.00 -35.86
C1 EDO J . 1.10 8.61 9.23
O1 EDO J . 0.43 7.46 8.68
C2 EDO J . 1.67 8.44 10.66
O2 EDO J . 2.35 9.68 11.10
ZN ZN K . 10.67 9.35 18.21
ZN ZN L . 13.34 10.76 19.81
C1 EDO M . 22.20 7.97 37.74
O1 EDO M . 21.25 7.31 38.63
C2 EDO M . 22.70 7.04 36.64
O2 EDO M . 23.62 6.05 37.13
C1 EDO N . 22.32 27.66 4.02
O1 EDO N . 21.04 28.21 4.36
C2 EDO N . 22.37 26.22 4.56
O2 EDO N . 23.60 25.53 4.28
C1 EDO O . 16.14 -15.96 13.06
O1 EDO O . 15.87 -14.73 12.39
C2 EDO O . 15.07 -16.17 14.11
O2 EDO O . 13.80 -16.22 13.44
C1 EDO P . 37.00 5.29 7.90
O1 EDO P . 36.57 4.60 9.07
C2 EDO P . 36.09 6.47 7.60
O2 EDO P . 35.73 7.17 8.80
#